data_2V7U
#
_entry.id   2V7U
#
_cell.length_a   76.224
_cell.length_b   129.377
_cell.length_c   183.080
_cell.angle_alpha   90.00
_cell.angle_beta   90.00
_cell.angle_gamma   90.00
#
_symmetry.space_group_name_H-M   'C 2 2 21'
#
loop_
_entity.id
_entity.type
_entity.pdbx_description
1 polymer "5'-FLUORO-5'-DEOXY ADENOSINE SYNTHETASE"
2 non-polymer S-ADENOSYLMETHIONINE
3 non-polymer 'CHLORIDE ION'
4 water water
#
_entity_poly.entity_id   1
_entity_poly.type   'polypeptide(L)'
_entity_poly.pdbx_seq_one_letter_code
;MAANSTRRPIIAFMSDLGTTDDSVAQCKGLMYSICPDVTVVDVCHSMTPWDVEEGARYIVDLPRFFPEGTVFATTTYPAT
GTTTRSVAVRIKQAAKGGARGQWAGSGAGFERAEGSYIYIAPNNGLLTTVLEEHGYLEAYEVTSPKVIPEQPEPTFYGRE
MVAIPSAHLAAGFPLSEVGRPLEDHEIVRFNRPAVEQDGEALVGVVSAIDHPFGNVWTNIHRTDLEKAGIGYGARLRLTL
DGVLPFEAPLTPTFADAGEIGNIAIYLNSRGYLSIARNAASLAYPYHLKEGMSARVEAR
;
_entity_poly.pdbx_strand_id   A,B,C
#
loop_
_chem_comp.id
_chem_comp.type
_chem_comp.name
_chem_comp.formula
CL non-polymer 'CHLORIDE ION' 'Cl -1'
SAM non-polymer S-ADENOSYLMETHIONINE 'C15 H22 N6 O5 S'
#
# COMPACT_ATOMS: atom_id res chain seq x y z
N ARG A 8 22.54 1.47 3.78
CA ARG A 8 22.58 2.08 5.12
C ARG A 8 21.25 2.05 5.91
N PRO A 9 20.87 3.13 6.63
CA PRO A 9 19.85 2.95 7.66
C PRO A 9 18.44 2.59 7.16
N ILE A 10 17.73 1.77 7.93
CA ILE A 10 16.33 1.39 7.66
C ILE A 10 15.43 1.76 8.83
N ILE A 11 14.28 2.36 8.51
CA ILE A 11 13.18 2.53 9.45
C ILE A 11 12.03 1.69 8.94
N ALA A 12 11.59 0.74 9.77
CA ALA A 12 10.36 -0.03 9.49
C ALA A 12 9.21 0.59 10.25
N PHE A 13 8.16 0.97 9.52
CA PHE A 13 7.13 1.87 9.98
C PHE A 13 5.78 1.14 10.02
N MET A 14 5.23 1.01 11.22
CA MET A 14 3.93 0.38 11.45
C MET A 14 3.03 1.40 12.15
N SER A 15 1.89 1.74 11.52
CA SER A 15 0.97 2.68 12.16
C SER A 15 -0.50 2.30 12.01
N ASP A 16 -1.37 3.14 12.57
CA ASP A 16 -2.82 3.02 12.38
C ASP A 16 -3.36 4.12 11.44
N LEU A 17 -2.49 4.69 10.60
CA LEU A 17 -2.84 5.87 9.79
C LEU A 17 -3.60 5.54 8.51
N GLY A 18 -3.54 4.28 8.08
CA GLY A 18 -4.20 3.82 6.86
C GLY A 18 -3.46 4.32 5.64
N THR A 19 -4.03 4.07 4.47
CA THR A 19 -3.42 4.52 3.22
C THR A 19 -4.47 5.21 2.35
N THR A 20 -5.41 5.89 2.97
CA THR A 20 -6.47 6.60 2.25
C THR A 20 -6.23 8.11 2.14
N ASP A 21 -5.17 8.59 2.78
CA ASP A 21 -4.74 9.98 2.59
C ASP A 21 -3.23 10.11 2.65
N ASP A 22 -2.76 11.35 2.74
CA ASP A 22 -1.33 11.63 2.72
C ASP A 22 -0.61 11.53 4.08
N SER A 23 -1.26 10.96 5.11
CA SER A 23 -0.68 10.94 6.48
C SER A 23 0.69 10.24 6.58
N VAL A 24 0.77 9.02 6.04
CA VAL A 24 2.00 8.23 6.05
C VAL A 24 3.07 8.97 5.22
N ALA A 25 2.67 9.56 4.10
CA ALA A 25 3.62 10.31 3.28
C ALA A 25 4.21 11.53 4.01
N GLN A 26 3.41 12.19 4.86
CA GLN A 26 3.93 13.30 5.69
C GLN A 26 5.05 12.84 6.60
N CYS A 27 4.86 11.69 7.25
CA CYS A 27 5.88 11.08 8.10
C CYS A 27 7.12 10.69 7.32
N LYS A 28 6.94 10.07 6.17
CA LYS A 28 8.07 9.69 5.31
C LYS A 28 8.88 10.90 4.82
N GLY A 29 8.17 11.96 4.40
CA GLY A 29 8.84 13.20 3.99
C GLY A 29 9.79 13.67 5.08
N LEU A 30 9.31 13.67 6.32
CA LEU A 30 10.14 14.10 7.44
C LEU A 30 11.29 13.13 7.71
N MET A 31 11.04 11.84 7.57
CA MET A 31 12.08 10.82 7.75
C MET A 31 13.27 11.00 6.77
N TYR A 32 12.95 11.22 5.48
CA TYR A 32 13.94 11.54 4.46
C TYR A 32 14.62 12.89 4.67
N SER A 33 13.86 13.86 5.20
CA SER A 33 14.44 15.16 5.55
C SER A 33 15.54 15.00 6.61
N ILE A 34 15.22 14.24 7.66
CA ILE A 34 16.11 14.09 8.82
C ILE A 34 17.28 13.14 8.53
N CYS A 35 16.99 12.07 7.80
CA CYS A 35 17.98 11.03 7.54
C CYS A 35 18.01 10.75 6.04
N PRO A 36 18.73 11.59 5.26
CA PRO A 36 18.72 11.54 3.79
C PRO A 36 19.02 10.17 3.16
N ASP A 37 19.85 9.36 3.82
CA ASP A 37 20.26 8.02 3.30
C ASP A 37 19.31 6.88 3.68
N VAL A 38 18.23 7.19 4.39
CA VAL A 38 17.34 6.19 4.96
C VAL A 38 16.53 5.45 3.89
N THR A 39 16.16 4.22 4.21
CA THR A 39 15.15 3.46 3.49
C THR A 39 13.99 3.25 4.45
N VAL A 40 12.79 3.68 4.07
CA VAL A 40 11.61 3.46 4.92
C VAL A 40 10.87 2.27 4.38
N VAL A 41 10.69 1.25 5.22
CA VAL A 41 9.95 0.04 4.87
C VAL A 41 8.60 0.07 5.59
N ASP A 42 7.51 0.00 4.83
CA ASP A 42 6.18 -0.10 5.44
C ASP A 42 6.00 -1.49 6.02
N VAL A 43 5.59 -1.55 7.28
CA VAL A 43 5.24 -2.83 7.90
C VAL A 43 3.78 -3.02 7.56
N CYS A 44 2.94 -2.16 8.13
CA CYS A 44 1.54 -2.07 7.73
CA CYS A 44 1.49 -2.20 7.94
C CYS A 44 0.89 -0.86 8.39
N HIS A 45 -0.17 -0.36 7.74
CA HIS A 45 -0.86 0.84 8.21
C HIS A 45 -2.34 0.63 8.41
N SER A 46 -2.74 -0.65 8.45
CA SER A 46 -4.15 -1.07 8.39
CA SER A 46 -4.14 -1.07 8.38
C SER A 46 -4.73 -1.61 9.70
N MET A 47 -3.94 -1.61 10.76
CA MET A 47 -4.45 -2.10 12.04
C MET A 47 -5.73 -1.36 12.47
N THR A 48 -6.57 -2.05 13.24
CA THR A 48 -7.68 -1.39 13.92
C THR A 48 -7.12 -0.32 14.85
N PRO A 49 -7.56 0.94 14.64
CA PRO A 49 -7.08 2.03 15.48
C PRO A 49 -7.28 1.73 16.96
N TRP A 50 -6.23 2.02 17.75
CA TRP A 50 -6.28 2.01 19.23
C TRP A 50 -6.25 0.60 19.85
N ASP A 51 -6.08 -0.40 18.99
CA ASP A 51 -6.03 -1.78 19.41
C ASP A 51 -4.55 -2.17 19.57
N VAL A 52 -4.03 -1.95 20.78
CA VAL A 52 -2.59 -2.12 21.01
C VAL A 52 -2.15 -3.57 20.88
N GLU A 53 -3.01 -4.50 21.26
CA GLU A 53 -2.75 -5.93 21.17
C GLU A 53 -2.56 -6.37 19.72
N GLU A 54 -3.38 -5.83 18.82
CA GLU A 54 -3.27 -6.12 17.38
C GLU A 54 -1.98 -5.53 16.78
N GLY A 55 -1.72 -4.26 17.08
CA GLY A 55 -0.49 -3.60 16.66
C GLY A 55 0.73 -4.39 17.12
N ALA A 56 0.70 -4.87 18.38
CA ALA A 56 1.78 -5.71 18.93
C ALA A 56 2.08 -6.95 18.06
N ARG A 57 1.03 -7.61 17.55
CA ARG A 57 1.22 -8.79 16.67
C ARG A 57 1.96 -8.48 15.37
N TYR A 58 1.76 -7.29 14.85
CA TYR A 58 2.42 -6.88 13.60
C TYR A 58 3.90 -6.51 13.74
N ILE A 59 4.39 -6.38 14.98
CA ILE A 59 5.74 -5.86 15.19
C ILE A 59 6.68 -6.80 15.96
N VAL A 60 6.10 -7.75 16.70
CA VAL A 60 6.87 -8.62 17.59
C VAL A 60 7.84 -9.58 16.85
N ASP A 61 7.43 -10.04 15.67
CA ASP A 61 8.18 -11.02 14.92
C ASP A 61 9.24 -10.44 13.96
N LEU A 62 9.29 -9.11 13.86
CA LEU A 62 10.12 -8.43 12.86
C LEU A 62 11.68 -8.48 12.95
N PRO A 63 12.28 -8.35 14.16
CA PRO A 63 13.75 -8.14 14.22
C PRO A 63 14.63 -9.11 13.43
N ARG A 64 14.35 -10.42 13.49
CA ARG A 64 15.23 -11.42 12.87
C ARG A 64 15.28 -11.30 11.33
N PHE A 65 14.26 -10.66 10.75
CA PHE A 65 14.18 -10.45 9.31
C PHE A 65 15.00 -9.25 8.82
N PHE A 66 15.34 -8.33 9.72
CA PHE A 66 15.93 -7.05 9.32
C PHE A 66 17.42 -6.94 9.60
N PRO A 67 18.13 -6.15 8.79
CA PRO A 67 19.55 -5.85 9.05
C PRO A 67 19.70 -5.25 10.44
N GLU A 68 20.78 -5.65 11.13
CA GLU A 68 21.12 -5.08 12.43
C GLU A 68 21.23 -3.56 12.31
N GLY A 69 20.73 -2.83 13.30
CA GLY A 69 20.71 -1.35 13.27
C GLY A 69 19.38 -0.78 12.81
N THR A 70 18.46 -1.63 12.38
CA THR A 70 17.11 -1.22 11.96
C THR A 70 16.35 -0.58 13.12
N VAL A 71 15.63 0.50 12.82
CA VAL A 71 14.81 1.15 13.83
C VAL A 71 13.36 0.85 13.48
N PHE A 72 12.61 0.36 14.47
CA PHE A 72 11.18 0.08 14.33
C PHE A 72 10.35 1.23 14.89
N ALA A 73 9.66 1.93 14.00
CA ALA A 73 8.82 3.07 14.35
C ALA A 73 7.37 2.57 14.34
N THR A 74 6.79 2.42 15.52
CA THR A 74 5.55 1.66 15.69
C THR A 74 4.55 2.46 16.50
N THR A 75 3.39 2.77 15.91
CA THR A 75 2.46 3.69 16.56
C THR A 75 0.96 3.42 16.36
N THR A 76 0.24 3.41 17.48
CA THR A 76 -1.18 3.81 17.55
C THR A 76 -1.22 4.74 18.74
N TYR A 77 -1.73 5.96 18.56
CA TYR A 77 -1.53 6.97 19.61
C TYR A 77 -2.83 7.66 20.07
N PRO A 78 -3.80 6.91 20.66
CA PRO A 78 -5.05 7.57 21.12
C PRO A 78 -4.88 8.63 22.22
N ALA A 79 -3.75 8.63 22.92
CA ALA A 79 -3.43 9.67 23.90
C ALA A 79 -2.66 10.83 23.27
N THR A 80 -2.73 10.94 21.94
CA THR A 80 -2.10 12.08 21.22
C THR A 80 -2.49 13.44 21.81
N GLY A 81 -1.53 14.35 21.90
CA GLY A 81 -1.80 15.73 22.38
C GLY A 81 -1.81 15.89 23.88
N THR A 82 -1.52 14.81 24.60
CA THR A 82 -1.51 14.82 26.07
C THR A 82 -0.05 14.91 26.52
N THR A 83 0.17 14.97 27.83
CA THR A 83 1.55 15.08 28.34
C THR A 83 2.36 13.80 28.19
N THR A 84 1.74 12.72 27.73
CA THR A 84 2.46 11.48 27.55
C THR A 84 3.59 11.66 26.54
N ARG A 85 4.63 10.84 26.71
CA ARG A 85 5.78 10.85 25.83
C ARG A 85 6.11 9.41 25.42
N SER A 86 6.72 9.27 24.25
CA SER A 86 7.04 7.96 23.71
C SER A 86 8.18 7.29 24.49
N VAL A 87 8.32 5.99 24.28
CA VAL A 87 9.42 5.21 24.83
C VAL A 87 10.28 4.70 23.68
N ALA A 88 11.61 4.80 23.85
CA ALA A 88 12.52 4.21 22.88
C ALA A 88 13.40 3.17 23.57
N VAL A 89 13.39 1.94 23.05
CA VAL A 89 14.11 0.84 23.69
C VAL A 89 15.05 0.17 22.73
N ARG A 90 16.23 -0.20 23.24
CA ARG A 90 17.12 -1.11 22.54
C ARG A 90 16.80 -2.49 23.06
N ILE A 91 16.31 -3.36 22.18
CA ILE A 91 15.96 -4.73 22.59
C ILE A 91 17.21 -5.57 22.78
N LYS A 92 17.07 -6.67 23.49
CA LYS A 92 18.22 -7.56 23.75
C LYS A 92 18.36 -8.67 22.68
N GLN A 93 17.51 -9.69 22.73
CA GLN A 93 17.55 -10.82 21.80
C GLN A 93 16.78 -10.49 20.54
N ALA A 94 17.42 -10.69 19.39
CA ALA A 94 16.70 -10.60 18.11
C ALA A 94 15.61 -11.64 18.07
N ALA A 95 15.93 -12.84 18.56
CA ALA A 95 14.98 -13.96 18.79
C ALA A 95 14.67 -14.76 17.53
N LYS A 96 14.86 -16.07 17.61
CA LYS A 96 14.42 -17.00 16.59
C LYS A 96 12.89 -17.06 16.58
N GLY A 97 12.31 -17.56 15.49
CA GLY A 97 10.87 -17.63 15.35
C GLY A 97 10.45 -18.71 14.38
N GLY A 98 9.19 -18.65 13.95
CA GLY A 98 8.65 -19.63 13.01
C GLY A 98 7.92 -20.74 13.74
N ALA A 99 7.34 -21.66 12.97
CA ALA A 99 6.70 -22.84 13.52
C ALA A 99 7.69 -23.67 14.35
N ARG A 100 8.96 -23.67 13.93
CA ARG A 100 9.98 -24.51 14.60
C ARG A 100 10.89 -23.74 15.56
N GLY A 101 11.13 -22.47 15.30
CA GLY A 101 12.04 -21.67 16.11
C GLY A 101 13.44 -21.63 15.54
N GLN A 102 13.66 -20.78 14.53
CA GLN A 102 14.95 -20.73 13.83
C GLN A 102 15.26 -19.30 13.39
N TRP A 103 16.50 -19.07 12.95
CA TRP A 103 16.85 -17.84 12.23
C TRP A 103 16.24 -17.81 10.82
N ALA A 104 15.98 -16.60 10.33
CA ALA A 104 15.40 -16.40 8.99
C ALA A 104 16.51 -16.26 7.95
N GLY A 105 16.21 -16.64 6.72
CA GLY A 105 17.17 -16.44 5.63
C GLY A 105 17.61 -17.74 4.99
N SER A 106 18.42 -17.61 3.95
CA SER A 106 18.99 -18.72 3.21
C SER A 106 20.00 -19.50 4.06
N GLY A 107 20.34 -20.70 3.59
CA GLY A 107 21.27 -21.58 4.32
C GLY A 107 20.73 -21.89 5.71
N ALA A 108 21.58 -21.72 6.72
CA ALA A 108 21.20 -21.95 8.11
C ALA A 108 20.52 -20.73 8.73
N GLY A 109 20.27 -19.70 7.92
CA GLY A 109 19.66 -18.45 8.38
C GLY A 109 20.67 -17.39 8.80
N PHE A 110 20.17 -16.19 9.08
CA PHE A 110 21.04 -15.07 9.45
C PHE A 110 20.97 -14.83 10.96
N GLU A 111 22.02 -15.22 11.66
CA GLU A 111 22.13 -14.98 13.09
C GLU A 111 22.25 -13.47 13.32
N ARG A 112 21.48 -12.96 14.27
CA ARG A 112 21.49 -11.53 14.56
C ARG A 112 22.11 -11.31 15.95
N ALA A 113 23.03 -10.36 16.04
CA ALA A 113 23.66 -10.02 17.30
C ALA A 113 22.67 -9.37 18.26
N GLU A 114 22.97 -9.49 19.55
CA GLU A 114 22.17 -8.91 20.62
C GLU A 114 22.27 -7.39 20.62
N GLY A 115 21.25 -6.72 21.16
CA GLY A 115 21.22 -5.24 21.23
C GLY A 115 21.26 -4.50 19.91
N SER A 116 20.78 -5.13 18.84
CA SER A 116 20.96 -4.61 17.47
C SER A 116 19.76 -3.87 16.89
N TYR A 117 18.68 -3.72 17.67
CA TYR A 117 17.44 -3.13 17.17
C TYR A 117 16.84 -2.16 18.17
N ILE A 118 16.27 -1.07 17.66
CA ILE A 118 15.55 -0.12 18.49
C ILE A 118 14.10 -0.06 18.07
N TYR A 119 13.22 -0.06 19.06
CA TYR A 119 11.82 0.25 18.86
C TYR A 119 11.51 1.61 19.46
N ILE A 120 10.68 2.37 18.78
CA ILE A 120 10.16 3.60 19.34
C ILE A 120 8.64 3.63 19.17
N ALA A 121 7.93 3.98 20.24
CA ALA A 121 6.49 3.75 20.30
C ALA A 121 5.88 4.61 21.37
N PRO A 122 4.56 4.86 21.25
CA PRO A 122 3.88 5.44 22.41
C PRO A 122 4.09 4.57 23.64
N ASN A 123 4.11 5.17 24.83
CA ASN A 123 4.24 4.39 26.03
C ASN A 123 2.84 3.96 26.51
N ASN A 124 2.19 3.11 25.73
CA ASN A 124 0.80 2.74 25.99
C ASN A 124 0.55 1.22 25.99
N GLY A 125 1.64 0.47 26.07
CA GLY A 125 1.58 -0.99 26.02
C GLY A 125 1.84 -1.64 24.68
N LEU A 126 2.01 -0.85 23.62
CA LEU A 126 2.20 -1.39 22.28
C LEU A 126 3.39 -2.36 22.20
N LEU A 127 4.45 -2.06 22.96
CA LEU A 127 5.66 -2.89 22.98
C LEU A 127 5.63 -4.08 23.94
N THR A 128 4.47 -4.37 24.54
CA THR A 128 4.38 -5.40 25.59
C THR A 128 5.05 -6.72 25.17
N THR A 129 4.62 -7.25 24.03
CA THR A 129 5.12 -8.54 23.57
C THR A 129 6.55 -8.47 23.00
N VAL A 130 6.90 -7.35 22.40
CA VAL A 130 8.30 -7.09 22.03
C VAL A 130 9.21 -7.27 23.23
N LEU A 131 8.87 -6.62 24.33
CA LEU A 131 9.71 -6.68 25.53
C LEU A 131 9.70 -8.07 26.14
N GLU A 132 8.54 -8.72 26.14
CA GLU A 132 8.39 -10.10 26.61
C GLU A 132 9.25 -11.12 25.84
N GLU A 133 9.23 -11.02 24.53
CA GLU A 133 9.86 -12.00 23.66
C GLU A 133 11.34 -11.68 23.34
N HIS A 134 11.73 -10.41 23.42
CA HIS A 134 13.10 -10.01 23.08
C HIS A 134 13.93 -9.53 24.28
N GLY A 135 13.26 -9.06 25.33
CA GLY A 135 13.92 -8.37 26.43
C GLY A 135 14.43 -7.04 25.94
N TYR A 136 15.01 -6.25 26.85
CA TYR A 136 15.64 -5.01 26.44
C TYR A 136 16.87 -4.68 27.30
N LEU A 137 17.70 -3.78 26.77
CA LEU A 137 18.95 -3.45 27.39
C LEU A 137 18.89 -2.06 27.98
N GLU A 138 18.11 -1.18 27.36
CA GLU A 138 17.92 0.18 27.83
C GLU A 138 16.62 0.75 27.30
N ALA A 139 16.02 1.66 28.06
CA ALA A 139 14.76 2.31 27.69
C ALA A 139 14.79 3.77 28.14
N TYR A 140 14.33 4.66 27.27
CA TYR A 140 14.35 6.10 27.54
C TYR A 140 13.01 6.74 27.18
N GLU A 141 12.64 7.77 27.93
CA GLU A 141 11.48 8.58 27.60
C GLU A 141 11.94 9.54 26.51
N VAL A 142 11.10 9.78 25.49
CA VAL A 142 11.50 10.61 24.34
C VAL A 142 11.00 12.03 24.53
N THR A 143 11.89 12.91 24.99
CA THR A 143 11.53 14.28 25.39
C THR A 143 12.38 15.41 24.79
N SER A 144 13.60 15.09 24.38
CA SER A 144 14.55 16.11 23.87
C SER A 144 14.04 16.85 22.64
N PRO A 145 14.01 18.20 22.68
CA PRO A 145 13.66 19.01 21.50
C PRO A 145 14.61 18.80 20.31
N LYS A 146 15.74 18.10 20.51
CA LYS A 146 16.61 17.69 19.41
C LYS A 146 15.97 16.60 18.53
N VAL A 147 15.02 15.86 19.11
CA VAL A 147 14.42 14.71 18.42
C VAL A 147 12.89 14.77 18.25
N ILE A 148 12.23 15.67 18.99
CA ILE A 148 10.79 15.89 18.81
C ILE A 148 10.51 17.39 18.64
N PRO A 149 9.30 17.75 18.15
CA PRO A 149 8.95 19.15 18.02
C PRO A 149 8.85 19.82 19.40
N GLU A 150 9.32 21.06 19.45
CA GLU A 150 9.08 21.97 20.58
C GLU A 150 7.59 22.25 20.74
N GLN A 151 6.87 22.34 19.62
CA GLN A 151 5.43 22.59 19.61
C GLN A 151 4.75 21.48 18.80
N PRO A 152 4.59 20.30 19.42
CA PRO A 152 4.06 19.15 18.67
C PRO A 152 2.59 19.34 18.26
N GLU A 153 2.24 18.89 17.05
CA GLU A 153 0.85 18.90 16.60
C GLU A 153 0.00 18.04 17.54
N PRO A 154 -1.04 18.63 18.16
CA PRO A 154 -1.83 17.91 19.17
C PRO A 154 -2.41 16.57 18.68
N THR A 155 -2.93 16.54 17.46
CA THR A 155 -3.61 15.34 17.00
C THR A 155 -2.75 14.39 16.16
N PHE A 156 -1.43 14.60 16.12
CA PHE A 156 -0.59 13.77 15.25
C PHE A 156 0.70 13.31 15.95
N TYR A 157 0.58 12.78 17.18
CA TYR A 157 1.76 12.36 17.96
C TYR A 157 2.53 11.18 17.36
N GLY A 158 1.89 10.38 16.50
CA GLY A 158 2.63 9.32 15.79
C GLY A 158 3.72 9.90 14.88
N ARG A 159 3.42 11.02 14.24
CA ARG A 159 4.40 11.74 13.42
C ARG A 159 5.44 12.46 14.33
N GLU A 160 4.92 13.19 15.31
CA GLU A 160 5.71 14.05 16.18
C GLU A 160 6.64 13.29 17.13
N MET A 161 6.08 12.25 17.75
CA MET A 161 6.72 11.53 18.84
C MET A 161 7.22 10.13 18.47
N VAL A 162 7.05 9.73 17.21
CA VAL A 162 7.52 8.43 16.76
C VAL A 162 8.29 8.55 15.44
N ALA A 163 7.62 8.97 14.35
CA ALA A 163 8.28 9.08 13.03
C ALA A 163 9.51 10.00 13.06
N ILE A 164 9.34 11.23 13.56
CA ILE A 164 10.45 12.20 13.65
C ILE A 164 11.64 11.67 14.48
N PRO A 165 11.42 11.31 15.76
CA PRO A 165 12.57 10.80 16.54
C PRO A 165 13.17 9.49 15.99
N SER A 166 12.36 8.61 15.39
CA SER A 166 12.87 7.41 14.71
C SER A 166 13.91 7.71 13.65
N ALA A 167 13.68 8.79 12.88
CA ALA A 167 14.58 9.25 11.83
C ALA A 167 15.87 9.82 12.40
N HIS A 168 15.79 10.51 13.53
CA HIS A 168 17.01 10.96 14.23
C HIS A 168 17.85 9.78 14.71
N LEU A 169 17.19 8.78 15.30
CA LEU A 169 17.88 7.57 15.74
C LEU A 169 18.53 6.84 14.54
N ALA A 170 17.81 6.72 13.42
CA ALA A 170 18.37 6.14 12.21
C ALA A 170 19.58 6.93 11.70
N ALA A 171 19.54 8.25 11.90
CA ALA A 171 20.60 9.17 11.50
C ALA A 171 21.79 9.15 12.48
N GLY A 172 21.68 8.38 13.55
CA GLY A 172 22.81 8.18 14.47
C GLY A 172 22.78 9.02 15.74
N PHE A 173 21.67 9.70 15.97
CA PHE A 173 21.47 10.41 17.25
C PHE A 173 21.55 9.39 18.39
N PRO A 174 22.39 9.68 19.42
CA PRO A 174 22.59 8.70 20.49
C PRO A 174 21.30 8.41 21.23
N LEU A 175 20.92 7.14 21.32
CA LEU A 175 19.71 6.72 22.00
C LEU A 175 19.59 7.31 23.42
N SER A 176 20.68 7.26 24.18
CA SER A 176 20.64 7.71 25.58
C SER A 176 20.42 9.22 25.73
N GLU A 177 20.47 9.96 24.61
CA GLU A 177 20.26 11.41 24.64
C GLU A 177 18.80 11.85 24.37
N VAL A 178 17.89 10.90 24.12
CA VAL A 178 16.50 11.26 23.75
C VAL A 178 15.68 11.75 24.95
N GLY A 179 16.14 11.39 26.15
CA GLY A 179 15.49 11.75 27.38
C GLY A 179 15.96 10.84 28.49
N ARG A 180 15.28 10.92 29.65
CA ARG A 180 15.71 10.21 30.83
C ARG A 180 15.47 8.70 30.71
N PRO A 181 16.31 7.89 31.37
CA PRO A 181 16.01 6.47 31.39
C PRO A 181 14.69 6.17 32.12
N LEU A 182 13.97 5.16 31.64
CA LEU A 182 12.73 4.70 32.25
C LEU A 182 12.99 3.45 33.06
N GLU A 183 12.49 3.42 34.28
CA GLU A 183 12.45 2.20 35.08
C GLU A 183 11.41 1.23 34.50
N ASP A 184 11.61 -0.05 34.75
CA ASP A 184 10.77 -1.09 34.13
C ASP A 184 9.26 -0.89 34.38
N HIS A 185 8.90 -0.48 35.60
CA HIS A 185 7.50 -0.28 35.99
C HIS A 185 6.87 0.95 35.32
N GLU A 186 7.72 1.81 34.73
CA GLU A 186 7.26 3.00 34.02
C GLU A 186 6.88 2.69 32.57
N ILE A 187 7.22 1.50 32.10
CA ILE A 187 6.83 1.06 30.75
C ILE A 187 5.49 0.35 30.87
N VAL A 188 4.47 0.97 30.30
CA VAL A 188 3.11 0.44 30.32
C VAL A 188 3.05 -0.90 29.56
N ARG A 189 2.36 -1.87 30.17
CA ARG A 189 2.10 -3.14 29.54
C ARG A 189 0.61 -3.47 29.54
N PHE A 190 0.17 -4.21 28.53
CA PHE A 190 -1.15 -4.79 28.54
C PHE A 190 -1.10 -6.19 29.10
N ASN A 191 -2.24 -6.65 29.59
CA ASN A 191 -2.41 -8.01 30.11
C ASN A 191 -2.58 -9.00 28.97
N ARG A 192 -1.77 -10.04 28.99
CA ARG A 192 -1.83 -11.06 27.98
C ARG A 192 -2.55 -12.29 28.57
N PRO A 193 -3.79 -12.55 28.13
CA PRO A 193 -4.58 -13.69 28.62
C PRO A 193 -3.85 -15.02 28.42
N ALA A 194 -3.78 -15.82 29.48
CA ALA A 194 -3.12 -17.12 29.44
C ALA A 194 -3.96 -18.16 28.71
N VAL A 195 -3.29 -19.11 28.09
CA VAL A 195 -3.92 -20.35 27.63
C VAL A 195 -4.16 -21.23 28.87
N GLU A 196 -5.40 -21.67 29.05
CA GLU A 196 -5.74 -22.50 30.22
C GLU A 196 -5.88 -23.97 29.92
N GLN A 197 -5.47 -24.79 30.88
CA GLN A 197 -5.62 -26.24 30.78
C GLN A 197 -6.94 -26.65 31.43
N ASP A 198 -7.77 -27.35 30.67
CA ASP A 198 -9.10 -27.77 31.10
C ASP A 198 -9.21 -29.29 30.95
N GLY A 199 -8.75 -30.01 31.97
CA GLY A 199 -8.51 -31.45 31.83
C GLY A 199 -7.32 -31.65 30.91
N GLU A 200 -7.53 -32.34 29.79
CA GLU A 200 -6.45 -32.58 28.83
C GLU A 200 -6.54 -31.61 27.65
N ALA A 201 -7.57 -30.76 27.66
CA ALA A 201 -7.78 -29.70 26.68
C ALA A 201 -7.01 -28.41 27.00
N LEU A 202 -6.66 -27.69 25.94
CA LEU A 202 -6.09 -26.35 26.03
C LEU A 202 -7.13 -25.36 25.53
N VAL A 203 -7.38 -24.32 26.31
CA VAL A 203 -8.41 -23.34 26.00
C VAL A 203 -7.81 -21.95 25.81
N GLY A 204 -7.97 -21.43 24.59
CA GLY A 204 -7.54 -20.09 24.24
C GLY A 204 -8.60 -19.39 23.41
N VAL A 205 -8.15 -18.54 22.51
CA VAL A 205 -9.03 -17.74 21.67
C VAL A 205 -8.51 -17.74 20.24
N VAL A 206 -9.36 -17.34 19.30
CA VAL A 206 -8.92 -16.96 17.98
C VAL A 206 -8.22 -15.60 18.12
N SER A 207 -6.91 -15.57 17.87
CA SER A 207 -6.13 -14.33 17.97
C SER A 207 -6.29 -13.44 16.75
N ALA A 208 -6.57 -14.05 15.59
CA ALA A 208 -6.62 -13.33 14.31
C ALA A 208 -7.21 -14.19 13.21
N ILE A 209 -7.88 -13.53 12.28
CA ILE A 209 -8.14 -14.15 10.97
C ILE A 209 -6.98 -13.73 10.06
N ASP A 210 -6.38 -14.72 9.39
CA ASP A 210 -5.20 -14.51 8.59
C ASP A 210 -5.64 -14.08 7.18
N HIS A 211 -5.78 -12.76 6.98
CA HIS A 211 -6.17 -12.20 5.68
C HIS A 211 -4.97 -12.20 4.74
N PRO A 212 -5.20 -12.33 3.41
CA PRO A 212 -6.48 -12.48 2.70
C PRO A 212 -7.03 -13.90 2.58
N PHE A 213 -6.48 -14.86 3.33
CA PHE A 213 -6.80 -16.28 3.07
C PHE A 213 -8.01 -16.78 3.84
N GLY A 214 -8.28 -16.17 5.00
CA GLY A 214 -9.32 -16.66 5.90
C GLY A 214 -8.86 -17.85 6.71
N ASN A 215 -7.55 -17.94 6.98
CA ASN A 215 -7.06 -18.93 7.94
C ASN A 215 -7.38 -18.41 9.35
N VAL A 216 -7.48 -19.33 10.31
CA VAL A 216 -7.84 -18.99 11.70
C VAL A 216 -6.63 -19.23 12.60
N TRP A 217 -6.15 -18.18 13.26
CA TRP A 217 -4.99 -18.29 14.13
C TRP A 217 -5.48 -18.26 15.56
N THR A 218 -4.87 -19.09 16.40
CA THR A 218 -5.15 -19.09 17.84
C THR A 218 -3.97 -18.55 18.65
N ASN A 219 -4.22 -18.25 19.92
CA ASN A 219 -3.16 -17.87 20.86
C ASN A 219 -2.51 -19.07 21.55
N ILE A 220 -2.81 -20.26 21.05
CA ILE A 220 -2.23 -21.51 21.55
C ILE A 220 -0.90 -21.75 20.84
N HIS A 221 0.19 -21.60 21.61
CA HIS A 221 1.54 -21.66 21.07
C HIS A 221 2.04 -23.09 20.92
N ARG A 222 3.04 -23.26 20.07
CA ARG A 222 3.81 -24.50 19.97
C ARG A 222 4.23 -25.01 21.36
N THR A 223 4.76 -24.11 22.19
CA THR A 223 5.22 -24.49 23.53
C THR A 223 4.06 -25.03 24.36
N ASP A 224 2.85 -24.51 24.15
CA ASP A 224 1.65 -25.02 24.84
C ASP A 224 1.35 -26.44 24.38
N LEU A 225 1.53 -26.69 23.07
CA LEU A 225 1.37 -28.05 22.52
C LEU A 225 2.45 -29.04 22.99
N GLU A 226 3.72 -28.60 22.98
CA GLU A 226 4.88 -29.43 23.39
C GLU A 226 4.75 -29.87 24.84
N LYS A 227 4.21 -28.95 25.64
CA LYS A 227 3.87 -29.13 27.04
C LYS A 227 2.77 -30.17 27.23
N ALA A 228 1.96 -30.40 26.21
CA ALA A 228 0.93 -31.44 26.28
C ALA A 228 1.37 -32.72 25.55
N GLY A 229 2.60 -32.70 25.05
CA GLY A 229 3.13 -33.79 24.22
C GLY A 229 2.50 -33.89 22.83
N ILE A 230 1.73 -32.85 22.46
CA ILE A 230 1.09 -32.81 21.14
C ILE A 230 2.11 -32.38 20.09
N GLY A 231 2.36 -33.30 19.17
CA GLY A 231 3.31 -33.09 18.11
C GLY A 231 2.65 -33.35 16.77
N TYR A 232 3.40 -33.13 15.70
CA TYR A 232 2.89 -33.38 14.35
C TYR A 232 2.42 -34.84 14.28
N GLY A 233 1.23 -35.06 13.72
CA GLY A 233 0.66 -36.40 13.57
C GLY A 233 -0.49 -36.68 14.51
N ALA A 234 -0.56 -35.93 15.62
CA ALA A 234 -1.59 -36.09 16.64
C ALA A 234 -2.97 -35.72 16.09
N ARG A 235 -3.94 -36.61 16.25
CA ARG A 235 -5.31 -36.31 15.88
C ARG A 235 -5.92 -35.37 16.90
N LEU A 236 -6.38 -34.22 16.43
CA LEU A 236 -6.87 -33.19 17.32
C LEU A 236 -8.33 -32.90 17.07
N ARG A 237 -9.03 -32.55 18.14
CA ARG A 237 -10.31 -31.92 18.00
C ARG A 237 -10.18 -30.46 18.39
N LEU A 238 -10.43 -29.58 17.44
CA LEU A 238 -10.31 -28.14 17.65
C LEU A 238 -11.71 -27.57 17.55
N THR A 239 -12.19 -27.03 18.65
CA THR A 239 -13.54 -26.49 18.71
C THR A 239 -13.49 -24.95 18.70
N LEU A 240 -14.27 -24.33 17.82
CA LEU A 240 -14.26 -22.86 17.69
C LEU A 240 -15.62 -22.31 18.06
N ASP A 241 -15.62 -21.16 18.73
CA ASP A 241 -16.86 -20.45 19.12
C ASP A 241 -17.74 -21.28 20.07
N GLY A 242 -17.18 -22.36 20.62
CA GLY A 242 -17.90 -23.23 21.53
C GLY A 242 -19.03 -24.02 20.89
N VAL A 243 -19.14 -23.97 19.56
CA VAL A 243 -20.17 -24.74 18.82
C VAL A 243 -19.67 -25.42 17.56
N LEU A 244 -18.86 -24.72 16.75
CA LEU A 244 -18.30 -25.29 15.51
C LEU A 244 -17.03 -26.10 15.76
N PRO A 245 -17.13 -27.45 15.85
CA PRO A 245 -15.91 -28.24 16.07
C PRO A 245 -15.23 -28.72 14.77
N PHE A 246 -13.95 -29.14 14.87
CA PHE A 246 -13.15 -29.64 13.74
C PHE A 246 -12.22 -30.78 14.14
N GLU A 247 -11.98 -31.72 13.22
CA GLU A 247 -11.07 -32.82 13.50
C GLU A 247 -10.04 -33.00 12.40
N ALA A 248 -8.76 -33.06 12.78
CA ALA A 248 -7.68 -33.27 11.83
C ALA A 248 -6.39 -33.60 12.57
N PRO A 249 -5.46 -34.31 11.91
CA PRO A 249 -4.12 -34.41 12.48
C PRO A 249 -3.36 -33.08 12.41
N LEU A 250 -2.45 -32.86 13.35
CA LEU A 250 -1.57 -31.70 13.30
C LEU A 250 -0.54 -31.94 12.20
N THR A 251 -0.48 -31.03 11.24
CA THR A 251 0.41 -31.17 10.08
C THR A 251 1.26 -29.90 9.88
N PRO A 252 2.43 -30.02 9.22
CA PRO A 252 3.20 -28.80 8.92
C PRO A 252 2.54 -27.77 7.99
N THR A 253 1.72 -28.23 7.04
CA THR A 253 1.22 -27.33 6.01
C THR A 253 -0.20 -27.66 5.53
N PHE A 254 -0.73 -26.78 4.66
CA PHE A 254 -2.10 -26.87 4.12
C PHE A 254 -2.33 -28.10 3.22
N ALA A 255 -1.40 -28.34 2.29
CA ALA A 255 -1.49 -29.45 1.32
C ALA A 255 -1.53 -30.83 1.97
N ASP A 256 -1.09 -30.93 3.23
CA ASP A 256 -1.13 -32.20 3.97
C ASP A 256 -2.55 -32.70 4.24
N ALA A 257 -3.53 -31.80 4.11
CA ALA A 257 -4.95 -32.15 4.25
C ALA A 257 -5.48 -33.00 3.10
N GLY A 258 -4.78 -33.03 1.97
CA GLY A 258 -5.24 -33.77 0.79
C GLY A 258 -6.01 -32.90 -0.17
N GLU A 259 -7.26 -33.28 -0.44
CA GLU A 259 -8.11 -32.56 -1.40
C GLU A 259 -8.23 -31.09 -1.04
N ILE A 260 -8.33 -30.25 -2.06
CA ILE A 260 -8.65 -28.84 -1.91
C ILE A 260 -9.95 -28.70 -1.09
N GLY A 261 -9.90 -27.86 -0.05
CA GLY A 261 -11.08 -27.62 0.80
C GLY A 261 -11.07 -28.41 2.09
N ASN A 262 -10.24 -29.45 2.18
CA ASN A 262 -10.12 -30.25 3.40
C ASN A 262 -9.51 -29.45 4.55
N ILE A 263 -9.94 -29.76 5.76
CA ILE A 263 -9.46 -29.08 6.98
C ILE A 263 -8.00 -29.41 7.32
N ALA A 264 -7.19 -28.36 7.49
CA ALA A 264 -5.82 -28.49 7.96
C ALA A 264 -5.68 -27.86 9.34
N ILE A 265 -5.05 -28.58 10.27
CA ILE A 265 -4.67 -27.99 11.56
C ILE A 265 -3.15 -28.03 11.58
N TYR A 266 -2.54 -26.88 11.85
CA TYR A 266 -1.12 -26.68 11.61
C TYR A 266 -0.51 -25.64 12.58
N LEU A 267 0.81 -25.52 12.54
CA LEU A 267 1.49 -24.43 13.21
C LEU A 267 1.83 -23.38 12.17
N ASN A 268 1.34 -22.14 12.40
CA ASN A 268 1.58 -21.05 11.46
C ASN A 268 3.03 -20.57 11.52
N SER A 269 3.39 -19.62 10.67
CA SER A 269 4.77 -19.17 10.53
C SER A 269 5.20 -18.30 11.72
N ARG A 270 4.27 -18.05 12.64
CA ARG A 270 4.57 -17.30 13.86
C ARG A 270 4.74 -18.21 15.06
N GLY A 271 4.46 -19.51 14.89
CA GLY A 271 4.61 -20.52 15.96
C GLY A 271 3.33 -20.94 16.68
N TYR A 272 2.18 -20.59 16.12
CA TYR A 272 0.90 -20.78 16.80
C TYR A 272 -0.03 -21.75 16.10
N LEU A 273 -0.75 -22.50 16.90
CA LEU A 273 -1.75 -23.42 16.41
C LEU A 273 -2.82 -22.67 15.63
N SER A 274 -3.10 -23.18 14.43
CA SER A 274 -3.99 -22.54 13.49
C SER A 274 -4.84 -23.59 12.77
N ILE A 275 -5.93 -23.15 12.14
CA ILE A 275 -6.78 -24.05 11.36
C ILE A 275 -7.20 -23.36 10.06
N ALA A 276 -7.31 -24.16 9.00
CA ALA A 276 -7.55 -23.66 7.66
C ALA A 276 -8.23 -24.74 6.85
N ARG A 277 -8.69 -24.36 5.65
CA ARG A 277 -9.00 -25.32 4.58
C ARG A 277 -7.86 -25.23 3.59
N ASN A 278 -7.55 -26.36 2.95
CA ASN A 278 -6.51 -26.41 1.94
C ASN A 278 -6.92 -25.69 0.68
N ALA A 279 -6.24 -24.59 0.37
CA ALA A 279 -6.51 -23.74 -0.80
C ALA A 279 -8.00 -23.36 -0.90
N ALA A 280 -8.62 -23.14 0.25
CA ALA A 280 -9.95 -22.56 0.32
C ALA A 280 -9.99 -21.74 1.61
N SER A 281 -10.89 -20.78 1.67
CA SER A 281 -11.07 -20.00 2.90
C SER A 281 -11.95 -20.71 3.94
N LEU A 282 -11.44 -20.80 5.16
CA LEU A 282 -12.24 -21.32 6.27
C LEU A 282 -13.10 -20.23 6.92
N ALA A 283 -12.47 -19.09 7.22
CA ALA A 283 -13.10 -18.06 8.05
C ALA A 283 -14.24 -17.35 7.33
N TYR A 284 -14.04 -17.06 6.05
CA TYR A 284 -14.93 -16.17 5.32
C TYR A 284 -16.35 -16.73 5.08
N PRO A 285 -16.48 -17.98 4.57
CA PRO A 285 -17.83 -18.54 4.43
C PRO A 285 -18.63 -18.67 5.72
N TYR A 286 -17.95 -18.95 6.85
CA TYR A 286 -18.65 -19.17 8.14
C TYR A 286 -18.57 -17.96 9.06
N HIS A 287 -17.97 -16.88 8.56
CA HIS A 287 -17.88 -15.62 9.29
C HIS A 287 -17.24 -15.83 10.67
N LEU A 288 -16.14 -16.57 10.68
CA LEU A 288 -15.38 -16.78 11.91
C LEU A 288 -14.53 -15.54 12.18
N LYS A 289 -14.36 -15.22 13.46
CA LYS A 289 -13.81 -13.93 13.88
C LYS A 289 -12.80 -14.07 15.00
N GLU A 290 -11.87 -13.13 15.04
CA GLU A 290 -11.02 -12.89 16.21
C GLU A 290 -11.84 -12.79 17.50
N GLY A 291 -11.33 -13.36 18.60
CA GLY A 291 -12.04 -13.31 19.89
C GLY A 291 -12.94 -14.50 20.18
N MET A 292 -13.30 -15.27 19.15
CA MET A 292 -14.01 -16.54 19.34
C MET A 292 -13.16 -17.49 20.15
N SER A 293 -13.80 -18.30 20.98
CA SER A 293 -13.10 -19.31 21.78
C SER A 293 -12.45 -20.36 20.87
N ALA A 294 -11.31 -20.88 21.32
CA ALA A 294 -10.62 -21.95 20.64
C ALA A 294 -10.13 -22.97 21.67
N ARG A 295 -10.65 -24.20 21.55
CA ARG A 295 -10.31 -25.30 22.44
C ARG A 295 -9.62 -26.41 21.61
N VAL A 296 -8.51 -26.92 22.10
CA VAL A 296 -7.84 -28.04 21.43
C VAL A 296 -7.55 -29.19 22.40
N GLU A 297 -7.67 -30.41 21.89
CA GLU A 297 -7.50 -31.64 22.66
C GLU A 297 -7.16 -32.80 21.75
N ALA A 298 -6.30 -33.69 22.23
CA ALA A 298 -5.88 -34.86 21.46
C ALA A 298 -6.80 -36.06 21.74
N ARG B 8 19.41 11.90 -2.43
CA ARG B 8 19.19 12.62 -3.71
C ARG B 8 17.70 12.74 -4.10
N PRO B 9 17.35 12.67 -5.40
CA PRO B 9 16.03 13.19 -5.79
C PRO B 9 14.84 12.37 -5.30
N ILE B 10 13.75 13.05 -4.98
CA ILE B 10 12.52 12.44 -4.49
C ILE B 10 11.36 12.83 -5.39
N ILE B 11 10.57 11.84 -5.80
CA ILE B 11 9.27 12.06 -6.42
C ILE B 11 8.24 11.51 -5.42
N ALA B 12 7.31 12.37 -5.00
CA ALA B 12 6.13 11.98 -4.22
C ALA B 12 4.94 11.90 -5.19
N PHE B 13 4.32 10.72 -5.22
CA PHE B 13 3.43 10.27 -6.28
C PHE B 13 2.03 10.06 -5.69
N MET B 14 1.06 10.84 -6.17
CA MET B 14 -0.35 10.71 -5.75
C MET B 14 -1.17 10.45 -7.03
N SER B 15 -1.95 9.36 -7.06
CA SER B 15 -2.77 9.03 -8.21
C SER B 15 -4.15 8.48 -7.84
N ASP B 16 -4.99 8.23 -8.85
CA ASP B 16 -6.25 7.53 -8.67
C ASP B 16 -6.15 6.09 -9.17
N LEU B 17 -4.94 5.54 -9.24
CA LEU B 17 -4.70 4.24 -9.89
C LEU B 17 -5.04 3.03 -9.01
N GLY B 18 -5.16 3.25 -7.71
CA GLY B 18 -5.42 2.17 -6.75
C GLY B 18 -4.20 1.29 -6.56
N THR B 19 -4.36 0.22 -5.82
CA THR B 19 -3.26 -0.71 -5.61
C THR B 19 -3.75 -2.14 -5.78
N THR B 20 -4.67 -2.33 -6.72
CA THR B 20 -5.20 -3.66 -7.02
C THR B 20 -4.61 -4.31 -8.27
N ASP B 21 -3.80 -3.56 -9.03
CA ASP B 21 -3.04 -4.15 -10.14
C ASP B 21 -1.65 -3.51 -10.23
N ASP B 22 -0.98 -3.69 -11.36
CA ASP B 22 0.40 -3.25 -11.55
C ASP B 22 0.54 -1.83 -12.13
N SER B 23 -0.54 -1.04 -12.13
CA SER B 23 -0.50 0.31 -12.71
C SER B 23 0.54 1.23 -12.12
N VAL B 24 0.55 1.34 -10.79
CA VAL B 24 1.50 2.22 -10.10
C VAL B 24 2.93 1.72 -10.32
N ALA B 25 3.13 0.41 -10.28
CA ALA B 25 4.44 -0.22 -10.55
C ALA B 25 4.98 0.11 -11.94
N GLN B 26 4.09 0.19 -12.94
CA GLN B 26 4.50 0.57 -14.30
C GLN B 26 5.09 1.99 -14.32
N CYS B 27 4.39 2.93 -13.65
CA CYS B 27 4.88 4.29 -13.47
C CYS B 27 6.24 4.34 -12.76
N LYS B 28 6.34 3.60 -11.65
CA LYS B 28 7.59 3.50 -10.88
C LYS B 28 8.76 2.94 -11.68
N GLY B 29 8.52 1.86 -12.43
CA GLY B 29 9.58 1.31 -13.29
C GLY B 29 10.17 2.37 -14.21
N LEU B 30 9.27 3.17 -14.82
CA LEU B 30 9.69 4.22 -15.73
C LEU B 30 10.44 5.35 -15.02
N MET B 31 10.02 5.69 -13.79
CA MET B 31 10.71 6.65 -12.94
C MET B 31 12.16 6.23 -12.64
N TYR B 32 12.36 4.97 -12.23
CA TYR B 32 13.71 4.43 -12.00
C TYR B 32 14.54 4.31 -13.28
N SER B 33 13.86 3.99 -14.38
CA SER B 33 14.50 3.99 -15.71
C SER B 33 15.09 5.35 -16.08
N ILE B 34 14.34 6.42 -15.80
CA ILE B 34 14.72 7.76 -16.23
C ILE B 34 15.64 8.43 -15.19
N CYS B 35 15.39 8.18 -13.92
CA CYS B 35 16.16 8.77 -12.85
C CYS B 35 16.62 7.66 -11.89
N PRO B 36 17.70 6.94 -12.24
CA PRO B 36 18.11 5.78 -11.42
C PRO B 36 18.24 6.02 -9.91
N ASP B 37 18.69 7.21 -9.48
CA ASP B 37 18.92 7.46 -8.03
C ASP B 37 17.70 8.00 -7.27
N VAL B 38 16.56 8.06 -7.94
CA VAL B 38 15.35 8.57 -7.34
C VAL B 38 14.82 7.69 -6.21
N THR B 39 14.16 8.34 -5.25
CA THR B 39 13.34 7.68 -4.25
C THR B 39 11.90 8.05 -4.58
N VAL B 40 11.05 7.05 -4.79
CA VAL B 40 9.62 7.33 -5.04
C VAL B 40 8.87 7.11 -3.74
N VAL B 41 8.17 8.15 -3.28
CA VAL B 41 7.34 8.08 -2.08
C VAL B 41 5.88 8.11 -2.50
N ASP B 42 5.12 7.09 -2.07
CA ASP B 42 3.70 7.06 -2.37
C ASP B 42 3.01 8.03 -1.43
N VAL B 43 2.21 8.91 -2.00
CA VAL B 43 1.39 9.81 -1.22
C VAL B 43 0.13 9.01 -0.90
N CYS B 44 -0.65 8.71 -1.95
CA CYS B 44 -1.76 7.77 -1.86
CA CYS B 44 -1.90 7.97 -1.83
C CYS B 44 -2.31 7.56 -3.25
N HIS B 45 -3.00 6.42 -3.41
CA HIS B 45 -3.47 5.98 -4.73
C HIS B 45 -4.95 5.60 -4.70
N SER B 46 -5.59 5.97 -3.60
CA SER B 46 -6.93 5.48 -3.26
CA SER B 46 -6.93 5.50 -3.23
C SER B 46 -8.05 6.51 -3.42
N MET B 47 -7.72 7.70 -3.92
CA MET B 47 -8.72 8.75 -4.11
C MET B 47 -9.88 8.26 -4.97
N THR B 48 -11.07 8.80 -4.73
CA THR B 48 -12.16 8.63 -5.67
C THR B 48 -11.72 9.16 -7.03
N PRO B 49 -11.77 8.29 -8.06
CA PRO B 49 -11.37 8.70 -9.39
C PRO B 49 -12.14 9.91 -9.88
N TRP B 50 -11.41 10.83 -10.53
CA TRP B 50 -11.98 12.00 -11.21
C TRP B 50 -12.48 13.11 -10.25
N ASP B 51 -12.28 12.91 -8.96
CA ASP B 51 -12.71 13.87 -7.94
C ASP B 51 -11.51 14.78 -7.67
N VAL B 52 -11.39 15.85 -8.44
CA VAL B 52 -10.20 16.74 -8.37
C VAL B 52 -10.10 17.47 -7.01
N GLU B 53 -11.24 17.80 -6.41
CA GLU B 53 -11.27 18.43 -5.10
C GLU B 53 -10.68 17.54 -4.00
N GLU B 54 -10.97 16.23 -4.06
CA GLU B 54 -10.41 15.26 -3.12
C GLU B 54 -8.90 15.04 -3.33
N GLY B 55 -8.48 14.85 -4.58
CA GLY B 55 -7.07 14.77 -4.93
C GLY B 55 -6.31 16.00 -4.43
N ALA B 56 -6.91 17.17 -4.59
CA ALA B 56 -6.32 18.44 -4.15
C ALA B 56 -6.00 18.40 -2.64
N ARG B 57 -6.91 17.84 -1.83
CA ARG B 57 -6.70 17.76 -0.36
C ARG B 57 -5.52 16.88 0.04
N TYR B 58 -5.22 15.86 -0.78
CA TYR B 58 -4.09 14.96 -0.50
C TYR B 58 -2.72 15.52 -0.88
N ILE B 59 -2.67 16.66 -1.56
CA ILE B 59 -1.40 17.17 -2.06
C ILE B 59 -1.04 18.58 -1.58
N VAL B 60 -2.06 19.34 -1.16
CA VAL B 60 -1.83 20.74 -0.79
C VAL B 60 -0.93 20.90 0.45
N ASP B 61 -1.01 19.96 1.39
CA ASP B 61 -0.27 20.11 2.67
C ASP B 61 1.17 19.55 2.61
N LEU B 62 1.56 18.99 1.47
CA LEU B 62 2.82 18.24 1.33
C LEU B 62 4.18 18.97 1.45
N PRO B 63 4.32 20.13 0.78
CA PRO B 63 5.70 20.67 0.62
C PRO B 63 6.56 20.79 1.90
N ARG B 64 5.97 21.25 3.02
CA ARG B 64 6.78 21.53 4.23
C ARG B 64 7.38 20.28 4.85
N PHE B 65 6.79 19.13 4.53
CA PHE B 65 7.28 17.82 5.01
C PHE B 65 8.46 17.29 4.21
N PHE B 66 8.66 17.80 2.99
CA PHE B 66 9.63 17.17 2.09
C PHE B 66 10.92 17.98 1.91
N PRO B 67 12.05 17.28 1.66
CA PRO B 67 13.26 18.03 1.34
C PRO B 67 13.05 18.91 0.11
N GLU B 68 13.63 20.10 0.13
CA GLU B 68 13.64 21.01 -1.03
C GLU B 68 14.14 20.29 -2.27
N GLY B 69 13.48 20.55 -3.39
CA GLY B 69 13.83 19.90 -4.65
C GLY B 69 12.95 18.71 -4.98
N THR B 70 12.10 18.34 -4.04
CA THR B 70 11.13 17.28 -4.25
C THR B 70 10.17 17.64 -5.39
N VAL B 71 9.86 16.66 -6.22
CA VAL B 71 8.88 16.81 -7.30
C VAL B 71 7.61 16.07 -6.90
N PHE B 72 6.47 16.77 -6.94
CA PHE B 72 5.15 16.15 -6.67
C PHE B 72 4.48 15.79 -7.99
N ALA B 73 4.34 14.49 -8.23
CA ALA B 73 3.68 13.94 -9.42
C ALA B 73 2.27 13.54 -9.00
N THR B 74 1.26 14.29 -9.47
CA THR B 74 -0.07 14.22 -8.88
C THR B 74 -1.08 14.12 -10.02
N THR B 75 -1.91 13.08 -9.98
CA THR B 75 -2.76 12.78 -11.15
C THR B 75 -4.10 12.07 -10.88
N THR B 76 -5.16 12.66 -11.42
CA THR B 76 -6.34 11.94 -11.87
C THR B 76 -6.61 12.52 -13.26
N TYR B 77 -6.80 11.65 -14.24
CA TYR B 77 -6.74 12.10 -15.62
C TYR B 77 -7.90 11.65 -16.48
N PRO B 78 -9.16 12.07 -16.15
CA PRO B 78 -10.31 11.63 -16.98
C PRO B 78 -10.28 12.11 -18.43
N ALA B 79 -9.50 13.15 -18.72
CA ALA B 79 -9.30 13.63 -20.09
C ALA B 79 -8.14 12.91 -20.80
N THR B 80 -7.74 11.76 -20.27
CA THR B 80 -6.67 10.97 -20.88
C THR B 80 -6.96 10.68 -22.37
N GLY B 81 -5.93 10.79 -23.21
CA GLY B 81 -6.02 10.49 -24.64
C GLY B 81 -6.58 11.60 -25.53
N THR B 82 -6.83 12.77 -24.94
CA THR B 82 -7.27 13.95 -25.68
C THR B 82 -6.07 14.89 -25.92
N THR B 83 -6.34 16.03 -26.53
CA THR B 83 -5.26 16.94 -26.88
C THR B 83 -4.74 17.76 -25.69
N THR B 84 -5.35 17.57 -24.52
CA THR B 84 -4.88 18.19 -23.27
C THR B 84 -3.45 17.79 -22.92
N ARG B 85 -2.76 18.71 -22.26
CA ARG B 85 -1.39 18.51 -21.81
C ARG B 85 -1.28 18.93 -20.34
N SER B 86 -0.39 18.27 -19.62
CA SER B 86 -0.18 18.56 -18.22
C SER B 86 0.45 19.95 -18.00
N VAL B 87 0.33 20.43 -16.77
CA VAL B 87 0.99 21.65 -16.34
C VAL B 87 2.07 21.28 -15.30
N ALA B 88 3.20 21.97 -15.39
CA ALA B 88 4.29 21.80 -14.45
C ALA B 88 4.58 23.17 -13.84
N VAL B 89 4.51 23.24 -12.51
CA VAL B 89 4.61 24.51 -11.79
C VAL B 89 5.69 24.46 -10.71
N ARG B 90 6.48 25.52 -10.62
CA ARG B 90 7.34 25.72 -9.46
C ARG B 90 6.57 26.62 -8.47
N ILE B 91 6.28 26.09 -7.27
CA ILE B 91 5.50 26.85 -6.29
C ILE B 91 6.38 27.89 -5.62
N LYS B 92 5.75 28.87 -5.00
CA LYS B 92 6.44 29.95 -4.33
C LYS B 92 6.69 29.59 -2.86
N GLN B 93 5.66 29.72 -2.03
CA GLN B 93 5.80 29.48 -0.59
C GLN B 93 5.63 28.02 -0.27
N ALA B 94 6.58 27.42 0.45
CA ALA B 94 6.40 26.05 0.94
C ALA B 94 5.21 26.01 1.89
N ALA B 95 5.06 27.08 2.67
CA ALA B 95 3.89 27.32 3.56
C ALA B 95 3.88 26.52 4.86
N LYS B 96 3.72 27.24 5.97
CA LYS B 96 3.49 26.61 7.26
C LYS B 96 2.11 25.96 7.25
N GLY B 97 1.88 25.05 8.21
CA GLY B 97 0.60 24.36 8.30
C GLY B 97 0.26 23.93 9.71
N GLY B 98 -0.74 23.06 9.82
CA GLY B 98 -1.13 22.54 11.11
C GLY B 98 -2.24 23.30 11.77
N ALA B 99 -2.68 22.82 12.93
CA ALA B 99 -3.72 23.49 13.70
C ALA B 99 -3.30 24.92 14.06
N ARG B 100 -2.00 25.11 14.27
CA ARG B 100 -1.46 26.42 14.68
C ARG B 100 -0.84 27.26 13.57
N GLY B 101 -0.26 26.61 12.56
CA GLY B 101 0.47 27.35 11.52
C GLY B 101 1.96 27.42 11.78
N GLN B 102 2.67 26.32 11.54
CA GLN B 102 4.08 26.20 11.91
C GLN B 102 4.83 25.38 10.89
N TRP B 103 6.16 25.45 10.93
CA TRP B 103 7.02 24.51 10.21
C TRP B 103 6.93 23.12 10.84
N ALA B 104 7.13 22.10 10.02
CA ALA B 104 7.15 20.70 10.46
C ALA B 104 8.57 20.28 10.89
N GLY B 105 8.65 19.27 11.75
CA GLY B 105 9.95 18.73 12.15
C GLY B 105 10.25 18.88 13.64
N SER B 106 11.39 18.38 14.07
CA SER B 106 11.84 18.55 15.46
C SER B 106 12.33 19.98 15.72
N GLY B 107 12.58 20.29 16.99
CA GLY B 107 13.01 21.62 17.39
C GLY B 107 11.96 22.63 16.99
N ALA B 108 12.40 23.74 16.40
CA ALA B 108 11.52 24.78 15.88
C ALA B 108 10.98 24.47 14.48
N GLY B 109 11.27 23.27 13.95
CA GLY B 109 10.81 22.89 12.62
C GLY B 109 11.82 23.20 11.53
N PHE B 110 11.57 22.66 10.34
CA PHE B 110 12.49 22.84 9.23
C PHE B 110 11.90 23.90 8.30
N GLU B 111 12.49 25.08 8.34
CA GLU B 111 12.10 26.14 7.45
C GLU B 111 12.47 25.74 6.02
N ARG B 112 11.55 25.94 5.10
CA ARG B 112 11.75 25.56 3.70
C ARG B 112 11.91 26.81 2.83
N ALA B 113 12.90 26.82 1.94
CA ALA B 113 13.12 27.98 1.06
C ALA B 113 11.94 28.14 0.08
N GLU B 114 11.75 29.35 -0.43
CA GLU B 114 10.78 29.59 -1.51
C GLU B 114 11.29 29.05 -2.86
N GLY B 115 10.34 28.76 -3.75
CA GLY B 115 10.63 28.22 -5.07
C GLY B 115 11.33 26.88 -5.11
N SER B 116 11.06 26.05 -4.10
CA SER B 116 11.82 24.82 -3.86
C SER B 116 11.11 23.51 -4.18
N TYR B 117 9.90 23.59 -4.74
CA TYR B 117 9.10 22.41 -5.06
C TYR B 117 8.42 22.55 -6.41
N ILE B 118 8.33 21.45 -7.12
CA ILE B 118 7.62 21.40 -8.40
C ILE B 118 6.43 20.43 -8.28
N TYR B 119 5.28 20.86 -8.79
CA TYR B 119 4.12 19.98 -9.00
C TYR B 119 3.94 19.78 -10.49
N ILE B 120 3.63 18.55 -10.88
CA ILE B 120 3.25 18.25 -12.23
C ILE B 120 1.94 17.44 -12.21
N ALA B 121 0.99 17.86 -13.05
CA ALA B 121 -0.39 17.41 -12.92
C ALA B 121 -1.14 17.62 -14.22
N PRO B 122 -2.25 16.87 -14.42
CA PRO B 122 -3.13 17.28 -15.51
C PRO B 122 -3.56 18.74 -15.30
N ASN B 123 -3.75 19.48 -16.39
CA ASN B 123 -4.32 20.82 -16.32
C ASN B 123 -5.84 20.74 -16.21
N ASN B 124 -6.34 20.23 -15.10
CA ASN B 124 -7.77 20.02 -14.94
C ASN B 124 -8.34 20.56 -13.60
N GLY B 125 -7.55 21.37 -12.90
CA GLY B 125 -7.97 21.94 -11.64
C GLY B 125 -7.40 21.24 -10.41
N LEU B 126 -6.71 20.12 -10.61
CA LEU B 126 -6.13 19.38 -9.48
C LEU B 126 -5.24 20.24 -8.57
N LEU B 127 -4.48 21.15 -9.18
CA LEU B 127 -3.58 22.07 -8.45
C LEU B 127 -4.22 23.35 -7.90
N THR B 128 -5.55 23.46 -7.91
CA THR B 128 -6.25 24.69 -7.52
C THR B 128 -5.79 25.21 -6.16
N THR B 129 -5.84 24.36 -5.15
CA THR B 129 -5.54 24.79 -3.78
C THR B 129 -4.04 24.88 -3.51
N VAL B 130 -3.27 24.07 -4.22
CA VAL B 130 -1.80 24.18 -4.24
C VAL B 130 -1.41 25.61 -4.64
N LEU B 131 -2.00 26.11 -5.73
CA LEU B 131 -1.68 27.44 -6.25
C LEU B 131 -2.21 28.53 -5.31
N GLU B 132 -3.42 28.32 -4.78
CA GLU B 132 -4.03 29.21 -3.78
C GLU B 132 -3.19 29.39 -2.53
N GLU B 133 -2.71 28.28 -1.97
CA GLU B 133 -2.05 28.27 -0.66
C GLU B 133 -0.54 28.49 -0.73
N HIS B 134 0.06 28.19 -1.89
CA HIS B 134 1.50 28.32 -2.03
C HIS B 134 1.91 29.43 -2.99
N GLY B 135 1.02 29.76 -3.93
CA GLY B 135 1.41 30.65 -5.06
C GLY B 135 2.36 29.90 -5.97
N TYR B 136 2.78 30.55 -7.05
CA TYR B 136 3.73 29.94 -7.98
C TYR B 136 4.62 30.98 -8.66
N LEU B 137 5.79 30.54 -9.12
CA LEU B 137 6.77 31.43 -9.71
C LEU B 137 6.82 31.27 -11.23
N GLU B 138 6.51 30.06 -11.70
CA GLU B 138 6.48 29.76 -13.12
C GLU B 138 5.61 28.53 -13.39
N ALA B 139 5.07 28.46 -14.60
CA ALA B 139 4.18 27.39 -14.99
C ALA B 139 4.33 27.15 -16.49
N TYR B 140 4.44 25.88 -16.84
CA TYR B 140 4.69 25.45 -18.21
C TYR B 140 3.75 24.34 -18.61
N GLU B 141 3.38 24.34 -19.89
CA GLU B 141 2.64 23.26 -20.50
C GLU B 141 3.66 22.17 -20.82
N VAL B 142 3.28 20.92 -20.59
CA VAL B 142 4.22 19.80 -20.74
C VAL B 142 4.05 19.13 -22.12
N THR B 143 4.90 19.51 -23.06
CA THR B 143 4.74 19.10 -24.46
C THR B 143 5.95 18.51 -25.13
N SER B 144 7.15 18.78 -24.59
CA SER B 144 8.39 18.35 -25.25
C SER B 144 8.52 16.81 -25.31
N PRO B 145 8.84 16.26 -26.50
CA PRO B 145 9.05 14.82 -26.65
C PRO B 145 10.32 14.34 -25.91
N LYS B 146 11.08 15.28 -25.33
CA LYS B 146 12.19 14.92 -24.44
C LYS B 146 11.70 14.41 -23.08
N VAL B 147 10.49 14.80 -22.70
CA VAL B 147 9.95 14.49 -21.36
C VAL B 147 8.62 13.70 -21.37
N ILE B 148 7.98 13.57 -22.55
CA ILE B 148 6.76 12.76 -22.69
C ILE B 148 6.87 11.88 -23.95
N PRO B 149 6.05 10.81 -24.04
CA PRO B 149 6.08 9.98 -25.28
C PRO B 149 5.60 10.77 -26.50
N GLU B 150 6.27 10.55 -27.64
CA GLU B 150 5.79 11.05 -28.95
C GLU B 150 4.46 10.37 -29.30
N GLN B 151 4.28 9.13 -28.86
CA GLN B 151 3.05 8.40 -29.10
C GLN B 151 2.46 7.93 -27.75
N PRO B 152 1.82 8.85 -27.01
CA PRO B 152 1.35 8.47 -25.67
C PRO B 152 0.19 7.48 -25.70
N GLU B 153 0.21 6.56 -24.73
CA GLU B 153 -0.88 5.59 -24.54
C GLU B 153 -2.17 6.37 -24.26
N PRO B 154 -3.19 6.22 -25.13
CA PRO B 154 -4.43 7.01 -24.98
C PRO B 154 -5.10 6.92 -23.61
N THR B 155 -5.13 5.73 -23.01
CA THR B 155 -5.85 5.57 -21.73
C THR B 155 -4.95 5.66 -20.49
N PHE B 156 -3.72 6.14 -20.61
CA PHE B 156 -2.83 6.15 -19.44
C PHE B 156 -2.03 7.45 -19.33
N TYR B 157 -2.71 8.59 -19.46
CA TYR B 157 -1.99 9.88 -19.44
C TYR B 157 -1.32 10.21 -18.09
N GLY B 158 -1.78 9.65 -16.97
CA GLY B 158 -1.06 9.84 -15.67
C GLY B 158 0.36 9.29 -15.74
N ARG B 159 0.53 8.17 -16.40
CA ARG B 159 1.85 7.60 -16.65
C ARG B 159 2.64 8.43 -17.67
N GLU B 160 2.01 8.73 -18.81
CA GLU B 160 2.71 9.36 -19.95
C GLU B 160 3.01 10.84 -19.71
N MET B 161 2.05 11.55 -19.13
CA MET B 161 2.07 13.01 -19.02
C MET B 161 2.36 13.53 -17.60
N VAL B 162 2.55 12.63 -16.64
CA VAL B 162 2.85 13.03 -15.27
C VAL B 162 4.05 12.23 -14.77
N ALA B 163 3.93 10.90 -14.68
CA ALA B 163 4.98 10.06 -14.09
C ALA B 163 6.30 10.19 -14.85
N ILE B 164 6.24 9.99 -16.16
CA ILE B 164 7.45 10.09 -17.01
C ILE B 164 8.13 11.47 -16.92
N PRO B 165 7.39 12.59 -17.20
CA PRO B 165 8.06 13.89 -17.08
C PRO B 165 8.49 14.26 -15.66
N SER B 166 7.76 13.80 -14.63
CA SER B 166 8.24 14.00 -13.24
C SER B 166 9.66 13.45 -13.00
N ALA B 167 9.96 12.31 -13.60
CA ALA B 167 11.22 11.63 -13.45
C ALA B 167 12.33 12.40 -14.18
N HIS B 168 12.03 12.96 -15.36
CA HIS B 168 12.99 13.83 -16.07
C HIS B 168 13.29 15.06 -15.23
N LEU B 169 12.25 15.69 -14.68
CA LEU B 169 12.43 16.80 -13.76
C LEU B 169 13.27 16.43 -12.54
N ALA B 170 12.97 15.28 -11.92
CA ALA B 170 13.77 14.81 -10.79
C ALA B 170 15.22 14.58 -11.17
N ALA B 171 15.45 14.15 -12.42
CA ALA B 171 16.80 13.92 -12.97
C ALA B 171 17.53 15.21 -13.36
N GLY B 172 16.84 16.34 -13.25
CA GLY B 172 17.48 17.64 -13.52
C GLY B 172 17.17 18.27 -14.85
N PHE B 173 16.23 17.70 -15.61
CA PHE B 173 15.74 18.35 -16.83
C PHE B 173 15.20 19.73 -16.46
N PRO B 174 15.67 20.80 -17.15
CA PRO B 174 15.20 22.16 -16.86
C PRO B 174 13.69 22.32 -17.01
N LEU B 175 13.05 22.80 -15.94
CA LEU B 175 11.60 23.01 -15.92
C LEU B 175 11.09 23.85 -17.10
N SER B 176 11.80 24.94 -17.41
CA SER B 176 11.42 25.86 -18.51
C SER B 176 11.51 25.23 -19.91
N GLU B 177 12.08 24.04 -19.98
CA GLU B 177 12.22 23.38 -21.27
C GLU B 177 11.15 22.31 -21.56
N VAL B 178 10.21 22.10 -20.62
CA VAL B 178 9.13 21.09 -20.83
C VAL B 178 8.09 21.54 -21.87
N GLY B 179 8.01 22.85 -22.10
CA GLY B 179 7.12 23.43 -23.10
C GLY B 179 6.89 24.89 -22.80
N ARG B 180 5.89 25.47 -23.45
CA ARG B 180 5.70 26.93 -23.38
C ARG B 180 5.20 27.38 -22.01
N PRO B 181 5.52 28.65 -21.63
CA PRO B 181 4.92 29.17 -20.40
C PRO B 181 3.40 29.29 -20.54
N LEU B 182 2.68 29.00 -19.45
CA LEU B 182 1.24 29.21 -19.40
C LEU B 182 0.90 30.50 -18.65
N GLU B 183 0.04 31.31 -19.27
CA GLU B 183 -0.58 32.46 -18.58
C GLU B 183 -1.50 31.95 -17.45
N ASP B 184 -1.71 32.78 -16.43
CA ASP B 184 -2.49 32.37 -15.27
C ASP B 184 -3.88 31.86 -15.62
N HIS B 185 -4.56 32.53 -16.56
CA HIS B 185 -5.93 32.15 -16.96
C HIS B 185 -5.98 30.80 -17.71
N GLU B 186 -4.82 30.33 -18.18
CA GLU B 186 -4.73 29.04 -18.88
C GLU B 186 -4.59 27.84 -17.92
N ILE B 187 -4.40 28.13 -16.63
CA ILE B 187 -4.37 27.11 -15.61
C ILE B 187 -5.79 26.92 -15.08
N VAL B 188 -6.36 25.76 -15.36
CA VAL B 188 -7.74 25.43 -14.98
C VAL B 188 -7.86 25.36 -13.46
N ARG B 189 -8.94 25.95 -12.94
CA ARG B 189 -9.23 25.86 -11.51
C ARG B 189 -10.63 25.39 -11.25
N PHE B 190 -10.82 24.75 -10.11
CA PHE B 190 -12.17 24.46 -9.63
C PHE B 190 -12.62 25.55 -8.67
N ASN B 191 -13.93 25.71 -8.54
CA ASN B 191 -14.49 26.67 -7.61
C ASN B 191 -14.45 26.11 -6.19
N ARG B 192 -13.94 26.90 -5.26
CA ARG B 192 -13.92 26.50 -3.86
C ARG B 192 -15.03 27.24 -3.14
N PRO B 193 -16.11 26.55 -2.76
CA PRO B 193 -17.20 27.24 -2.02
C PRO B 193 -16.66 27.88 -0.73
N ALA B 194 -17.08 29.11 -0.46
CA ALA B 194 -16.64 29.80 0.74
C ALA B 194 -17.38 29.31 1.98
N VAL B 195 -16.78 29.54 3.16
CA VAL B 195 -17.47 29.40 4.44
C VAL B 195 -18.30 30.67 4.68
N GLU B 196 -19.62 30.52 4.72
CA GLU B 196 -20.53 31.67 4.86
C GLU B 196 -20.65 32.23 6.27
N GLN B 197 -20.80 33.55 6.37
CA GLN B 197 -21.19 34.18 7.63
C GLN B 197 -22.70 34.26 7.69
N ASP B 198 -23.27 33.80 8.80
CA ASP B 198 -24.71 33.69 8.94
C ASP B 198 -25.10 34.16 10.34
N GLY B 199 -25.14 35.47 10.51
CA GLY B 199 -25.24 36.07 11.83
C GLY B 199 -23.91 35.96 12.52
N GLU B 200 -23.89 35.28 13.67
CA GLU B 200 -22.66 34.98 14.40
C GLU B 200 -22.12 33.59 14.01
N ALA B 201 -22.90 32.83 13.25
CA ALA B 201 -22.58 31.45 12.88
C ALA B 201 -21.72 31.33 11.64
N LEU B 202 -21.14 30.16 11.47
CA LEU B 202 -20.42 29.84 10.25
C LEU B 202 -20.99 28.57 9.61
N VAL B 203 -21.23 28.65 8.31
CA VAL B 203 -21.90 27.58 7.59
C VAL B 203 -20.98 27.05 6.50
N GLY B 204 -20.58 25.79 6.66
CA GLY B 204 -19.77 25.09 5.68
C GLY B 204 -20.34 23.70 5.48
N VAL B 205 -19.44 22.76 5.22
CA VAL B 205 -19.78 21.38 4.91
C VAL B 205 -18.79 20.45 5.61
N VAL B 206 -19.15 19.18 5.70
CA VAL B 206 -18.17 18.13 5.96
C VAL B 206 -17.31 17.95 4.69
N SER B 207 -16.03 18.30 4.81
CA SER B 207 -15.06 18.14 3.73
C SER B 207 -14.59 16.68 3.53
N ALA B 208 -14.56 15.91 4.61
CA ALA B 208 -14.01 14.57 4.57
C ALA B 208 -14.35 13.78 5.82
N ILE B 209 -14.47 12.47 5.66
CA ILE B 209 -14.42 11.58 6.82
C ILE B 209 -12.97 11.14 6.96
N ASP B 210 -12.41 11.33 8.16
CA ASP B 210 -11.00 11.02 8.44
C ASP B 210 -10.83 9.53 8.72
N HIS B 211 -10.54 8.75 7.67
CA HIS B 211 -10.30 7.32 7.79
C HIS B 211 -8.90 7.08 8.29
N PRO B 212 -8.69 5.99 9.06
CA PRO B 212 -9.67 4.94 9.43
C PRO B 212 -10.41 5.18 10.75
N PHE B 213 -10.37 6.41 11.27
CA PHE B 213 -10.91 6.69 12.61
C PHE B 213 -12.41 7.00 12.60
N GLY B 214 -12.88 7.59 11.50
CA GLY B 214 -14.25 8.09 11.45
C GLY B 214 -14.40 9.42 12.15
N ASN B 215 -13.32 10.23 12.16
CA ASN B 215 -13.45 11.64 12.54
C ASN B 215 -14.13 12.44 11.43
N VAL B 216 -14.71 13.58 11.79
CA VAL B 216 -15.47 14.38 10.85
C VAL B 216 -14.71 15.71 10.65
N TRP B 217 -14.27 15.96 9.42
CA TRP B 217 -13.53 17.17 9.08
C TRP B 217 -14.47 18.14 8.37
N THR B 218 -14.39 19.44 8.71
CA THR B 218 -15.15 20.48 7.99
C THR B 218 -14.23 21.34 7.13
N ASN B 219 -14.82 22.13 6.22
CA ASN B 219 -14.09 23.16 5.49
C ASN B 219 -14.01 24.51 6.24
N ILE B 220 -14.41 24.52 7.51
CA ILE B 220 -14.27 25.71 8.35
C ILE B 220 -12.83 25.75 8.94
N HIS B 221 -12.02 26.68 8.45
CA HIS B 221 -10.58 26.76 8.80
C HIS B 221 -10.34 27.55 10.09
N ARG B 222 -9.19 27.37 10.72
CA ARG B 222 -8.83 28.17 11.90
C ARG B 222 -9.01 29.69 11.64
N THR B 223 -8.61 30.16 10.46
CA THR B 223 -8.79 31.58 10.09
C THR B 223 -10.26 32.04 10.04
N ASP B 224 -11.19 31.12 9.75
CA ASP B 224 -12.61 31.46 9.81
C ASP B 224 -13.05 31.56 11.27
N LEU B 225 -12.52 30.69 12.11
CA LEU B 225 -12.84 30.70 13.53
C LEU B 225 -12.33 31.98 14.17
N GLU B 226 -11.12 32.37 13.79
CA GLU B 226 -10.48 33.60 14.25
C GLU B 226 -11.30 34.84 13.92
N LYS B 227 -11.88 34.86 12.72
CA LYS B 227 -12.79 35.94 12.29
C LYS B 227 -13.96 36.11 13.25
N ALA B 228 -14.42 35.00 13.82
CA ALA B 228 -15.50 35.02 14.81
C ALA B 228 -14.97 35.14 16.24
N GLY B 229 -13.66 35.13 16.41
CA GLY B 229 -13.05 35.20 17.74
C GLY B 229 -13.19 33.92 18.52
N ILE B 230 -13.43 32.82 17.80
CA ILE B 230 -13.56 31.50 18.40
C ILE B 230 -12.18 30.92 18.65
N GLY B 231 -11.87 30.77 19.91
CA GLY B 231 -10.62 30.17 20.30
C GLY B 231 -10.85 28.95 21.16
N TYR B 232 -9.75 28.26 21.47
CA TYR B 232 -9.77 27.15 22.40
C TYR B 232 -10.47 27.54 23.71
N GLY B 233 -11.41 26.69 24.13
CA GLY B 233 -12.18 26.94 25.36
C GLY B 233 -13.60 27.39 25.11
N ALA B 234 -13.86 27.95 23.92
CA ALA B 234 -15.20 28.38 23.53
C ALA B 234 -16.17 27.20 23.41
N ARG B 235 -17.30 27.31 24.08
CA ARG B 235 -18.36 26.31 23.98
C ARG B 235 -19.07 26.48 22.66
N LEU B 236 -19.05 25.45 21.84
CA LEU B 236 -19.62 25.51 20.50
C LEU B 236 -20.81 24.57 20.37
N ARG B 237 -21.75 24.98 19.51
CA ARG B 237 -22.77 24.09 18.98
C ARG B 237 -22.36 23.85 17.52
N LEU B 238 -22.04 22.60 17.21
CA LEU B 238 -21.71 22.23 15.84
C LEU B 238 -22.80 21.30 15.38
N THR B 239 -23.55 21.76 14.37
CA THR B 239 -24.68 21.05 13.82
C THR B 239 -24.30 20.41 12.49
N LEU B 240 -24.47 19.10 12.38
CA LEU B 240 -24.16 18.38 11.14
C LEU B 240 -25.46 17.92 10.51
N ASP B 241 -25.47 17.90 9.17
CA ASP B 241 -26.58 17.34 8.42
C ASP B 241 -27.91 18.10 8.66
N GLY B 242 -27.82 19.25 9.34
CA GLY B 242 -28.97 20.11 9.63
C GLY B 242 -29.70 19.87 10.94
N VAL B 243 -29.46 18.72 11.58
CA VAL B 243 -30.31 18.22 12.67
C VAL B 243 -29.57 17.71 13.93
N LEU B 244 -28.23 17.81 13.94
CA LEU B 244 -27.39 17.24 15.00
C LEU B 244 -26.56 18.31 15.74
N PRO B 245 -27.19 19.04 16.70
CA PRO B 245 -26.51 20.12 17.42
C PRO B 245 -25.51 19.63 18.49
N PHE B 246 -24.32 19.22 18.06
CA PHE B 246 -23.31 18.75 18.99
C PHE B 246 -22.82 19.90 19.85
N GLU B 247 -22.57 19.60 21.11
CA GLU B 247 -22.08 20.63 22.00
C GLU B 247 -20.84 20.20 22.75
N ALA B 248 -19.78 21.01 22.59
CA ALA B 248 -18.52 20.77 23.28
C ALA B 248 -17.67 22.03 23.22
N PRO B 249 -16.72 22.18 24.16
CA PRO B 249 -15.76 23.27 23.94
C PRO B 249 -14.74 22.91 22.87
N LEU B 250 -14.18 23.92 22.20
CA LEU B 250 -13.08 23.70 21.28
C LEU B 250 -11.82 23.37 22.07
N THR B 251 -11.26 22.19 21.79
CA THR B 251 -10.06 21.71 22.50
C THR B 251 -8.97 21.33 21.49
N PRO B 252 -7.70 21.28 21.94
CA PRO B 252 -6.60 20.90 21.04
C PRO B 252 -6.65 19.44 20.55
N THR B 253 -7.17 18.54 21.38
CA THR B 253 -7.08 17.13 21.08
C THR B 253 -8.26 16.31 21.59
N PHE B 254 -8.27 15.02 21.20
CA PHE B 254 -9.36 14.08 21.51
C PHE B 254 -9.52 13.81 23.02
N ALA B 255 -8.40 13.54 23.69
CA ALA B 255 -8.45 13.15 25.12
C ALA B 255 -9.01 14.25 26.03
N ASP B 256 -9.02 15.50 25.54
CA ASP B 256 -9.60 16.62 26.27
C ASP B 256 -11.08 16.48 26.52
N ALA B 257 -11.72 15.57 25.79
CA ALA B 257 -13.15 15.29 25.96
C ALA B 257 -13.47 14.45 27.21
N GLY B 258 -12.44 13.86 27.82
CA GLY B 258 -12.60 13.07 29.03
C GLY B 258 -12.77 11.60 28.74
N GLU B 259 -13.88 11.01 29.21
CA GLU B 259 -14.17 9.58 29.03
C GLU B 259 -14.12 9.20 27.56
N ILE B 260 -13.61 7.99 27.28
CA ILE B 260 -13.67 7.38 25.97
C ILE B 260 -15.10 7.43 25.42
N GLY B 261 -15.23 7.87 24.16
CA GLY B 261 -16.54 7.98 23.50
C GLY B 261 -17.18 9.35 23.58
N ASN B 262 -16.69 10.21 24.47
CA ASN B 262 -17.19 11.59 24.57
C ASN B 262 -16.84 12.43 23.34
N ILE B 263 -17.72 13.38 23.02
CA ILE B 263 -17.53 14.31 21.88
C ILE B 263 -16.36 15.30 22.07
N ALA B 264 -15.48 15.34 21.08
CA ALA B 264 -14.42 16.35 21.01
C ALA B 264 -14.59 17.24 19.77
N ILE B 265 -14.51 18.56 19.97
CA ILE B 265 -14.50 19.50 18.86
C ILE B 265 -13.11 20.12 18.87
N TYR B 266 -12.43 20.06 17.73
CA TYR B 266 -11.01 20.38 17.68
C TYR B 266 -10.54 20.98 16.35
N LEU B 267 -9.29 21.43 16.33
CA LEU B 267 -8.64 21.79 15.09
C LEU B 267 -7.77 20.61 14.65
N ASN B 268 -8.07 20.06 13.47
CA ASN B 268 -7.28 18.97 12.94
C ASN B 268 -5.84 19.39 12.53
N SER B 269 -5.04 18.42 12.13
CA SER B 269 -3.64 18.64 11.80
C SER B 269 -3.46 19.43 10.49
N ARG B 270 -4.56 19.68 9.79
CA ARG B 270 -4.58 20.46 8.55
C ARG B 270 -5.05 21.90 8.76
N GLY B 271 -5.47 22.23 9.99
CA GLY B 271 -5.93 23.59 10.34
C GLY B 271 -7.44 23.79 10.34
N TYR B 272 -8.20 22.70 10.27
CA TYR B 272 -9.65 22.78 10.07
C TYR B 272 -10.45 22.29 11.26
N LEU B 273 -11.57 22.97 11.50
CA LEU B 273 -12.52 22.58 12.51
C LEU B 273 -13.03 21.17 12.24
N SER B 274 -12.99 20.34 13.28
CA SER B 274 -13.35 18.93 13.16
C SER B 274 -14.09 18.48 14.39
N ILE B 275 -14.73 17.30 14.29
CA ILE B 275 -15.46 16.73 15.42
C ILE B 275 -15.27 15.22 15.42
N ALA B 276 -15.21 14.67 16.62
CA ALA B 276 -14.86 13.28 16.80
C ALA B 276 -15.36 12.83 18.16
N ARG B 277 -15.30 11.52 18.40
CA ARG B 277 -15.38 10.98 19.73
C ARG B 277 -14.01 10.56 20.22
N ASN B 278 -13.79 10.66 21.54
CA ASN B 278 -12.48 10.27 22.11
C ASN B 278 -12.27 8.76 22.04
N ALA B 279 -11.31 8.34 21.21
CA ALA B 279 -11.00 6.92 21.02
C ALA B 279 -12.25 6.07 20.73
N ALA B 280 -13.15 6.64 19.94
CA ALA B 280 -14.27 5.94 19.36
C ALA B 280 -14.56 6.58 18.02
N SER B 281 -15.24 5.85 17.14
CA SER B 281 -15.58 6.40 15.86
C SER B 281 -16.89 7.18 15.93
N LEU B 282 -16.87 8.41 15.43
CA LEU B 282 -18.10 9.20 15.32
C LEU B 282 -18.85 8.92 14.01
N ALA B 283 -18.13 8.90 12.89
CA ALA B 283 -18.78 8.90 11.58
C ALA B 283 -19.38 7.55 11.22
N TYR B 284 -18.70 6.48 11.64
CA TYR B 284 -19.06 5.16 11.16
C TYR B 284 -20.37 4.61 11.73
N PRO B 285 -20.57 4.64 13.07
CA PRO B 285 -21.86 4.17 13.60
C PRO B 285 -23.09 4.88 13.01
N TYR B 286 -22.97 6.17 12.73
CA TYR B 286 -24.15 6.97 12.31
C TYR B 286 -24.11 7.31 10.83
N HIS B 287 -23.14 6.72 10.12
CA HIS B 287 -23.00 6.87 8.67
C HIS B 287 -22.96 8.34 8.24
N LEU B 288 -22.18 9.14 8.97
CA LEU B 288 -21.91 10.52 8.57
C LEU B 288 -20.99 10.55 7.34
N LYS B 289 -21.19 11.55 6.49
CA LYS B 289 -20.60 11.57 5.14
C LYS B 289 -20.10 12.94 4.74
N GLU B 290 -19.08 12.95 3.90
CA GLU B 290 -18.66 14.13 3.19
C GLU B 290 -19.86 14.75 2.46
N GLY B 291 -19.92 16.07 2.46
CA GLY B 291 -20.97 16.78 1.76
C GLY B 291 -22.13 17.22 2.67
N MET B 292 -22.27 16.57 3.82
CA MET B 292 -23.25 16.98 4.81
C MET B 292 -22.96 18.41 5.27
N SER B 293 -24.02 19.15 5.59
CA SER B 293 -23.88 20.51 6.08
C SER B 293 -23.18 20.52 7.45
N ALA B 294 -22.40 21.57 7.69
CA ALA B 294 -21.76 21.78 8.99
C ALA B 294 -21.88 23.23 9.39
N ARG B 295 -22.59 23.48 10.48
CA ARG B 295 -22.75 24.82 11.04
C ARG B 295 -22.08 24.89 12.41
N VAL B 296 -21.35 25.97 12.65
CA VAL B 296 -20.75 26.20 13.96
C VAL B 296 -21.13 27.58 14.52
N GLU B 297 -21.41 27.62 15.82
CA GLU B 297 -21.66 28.87 16.53
C GLU B 297 -21.31 28.74 18.01
N ALA B 298 -20.93 29.87 18.61
CA ALA B 298 -20.59 29.93 20.02
C ALA B 298 -21.81 30.23 20.91
N ARG C 8 21.44 0.95 -9.44
CA ARG C 8 21.25 -0.04 -8.39
C ARG C 8 20.26 -1.17 -8.74
N PRO C 9 20.42 -2.34 -8.09
CA PRO C 9 19.51 -3.45 -8.41
C PRO C 9 18.06 -3.19 -7.94
N ILE C 10 17.10 -3.66 -8.74
CA ILE C 10 15.67 -3.58 -8.41
C ILE C 10 15.05 -4.98 -8.32
N ILE C 11 14.27 -5.19 -7.26
CA ILE C 11 13.34 -6.31 -7.18
C ILE C 11 11.91 -5.71 -7.26
N ALA C 12 11.14 -6.17 -8.24
CA ALA C 12 9.70 -5.86 -8.29
C ALA C 12 8.93 -7.07 -7.76
N PHE C 13 8.13 -6.83 -6.73
CA PHE C 13 7.58 -7.87 -5.88
C PHE C 13 6.06 -7.91 -6.01
N MET C 14 5.54 -9.06 -6.44
CA MET C 14 4.09 -9.31 -6.59
C MET C 14 3.74 -10.53 -5.74
N SER C 15 2.80 -10.39 -4.81
CA SER C 15 2.39 -11.52 -3.99
C SER C 15 0.90 -11.55 -3.73
N ASP C 16 0.44 -12.59 -3.04
CA ASP C 16 -0.93 -12.63 -2.53
C ASP C 16 -0.97 -12.40 -1.02
N LEU C 17 0.05 -11.74 -0.46
CA LEU C 17 0.19 -11.66 0.99
C LEU C 17 -0.71 -10.62 1.62
N GLY C 18 -1.20 -9.70 0.78
CA GLY C 18 -2.02 -8.57 1.26
C GLY C 18 -1.16 -7.52 1.96
N THR C 19 -1.83 -6.52 2.53
CA THR C 19 -1.16 -5.47 3.29
C THR C 19 -1.82 -5.22 4.65
N THR C 20 -2.35 -6.29 5.24
CA THR C 20 -3.00 -6.17 6.53
C THR C 20 -2.16 -6.63 7.71
N ASP C 21 -0.99 -7.21 7.43
CA ASP C 21 -0.05 -7.55 8.49
C ASP C 21 1.38 -7.31 8.02
N ASP C 22 2.35 -7.83 8.77
CA ASP C 22 3.78 -7.63 8.51
C ASP C 22 4.41 -8.62 7.51
N SER C 23 3.60 -9.45 6.84
CA SER C 23 4.13 -10.45 5.87
C SER C 23 5.08 -9.92 4.79
N VAL C 24 4.63 -8.90 4.05
CA VAL C 24 5.45 -8.27 3.01
C VAL C 24 6.73 -7.62 3.57
N ALA C 25 6.61 -6.98 4.74
CA ALA C 25 7.76 -6.36 5.40
C ALA C 25 8.82 -7.41 5.82
N GLN C 26 8.40 -8.62 6.23
CA GLN C 26 9.35 -9.71 6.53
C GLN C 26 10.20 -10.09 5.32
N CYS C 27 9.54 -10.19 4.16
CA CYS C 27 10.20 -10.46 2.88
C CYS C 27 11.18 -9.35 2.51
N LYS C 28 10.72 -8.11 2.62
CA LYS C 28 11.54 -6.91 2.38
C LYS C 28 12.76 -6.83 3.27
N GLY C 29 12.59 -7.08 4.58
CA GLY C 29 13.70 -7.10 5.54
C GLY C 29 14.81 -8.03 5.05
N LEU C 30 14.41 -9.22 4.63
CA LEU C 30 15.36 -10.21 4.11
C LEU C 30 16.02 -9.78 2.80
N MET C 31 15.23 -9.15 1.92
CA MET C 31 15.76 -8.58 0.67
C MET C 31 16.89 -7.58 0.93
N TYR C 32 16.67 -6.62 1.83
CA TYR C 32 17.71 -5.64 2.22
C TYR C 32 18.88 -6.28 2.95
N SER C 33 18.60 -7.31 3.75
CA SER C 33 19.68 -8.06 4.45
C SER C 33 20.66 -8.65 3.42
N ILE C 34 20.10 -9.27 2.38
CA ILE C 34 20.88 -10.02 1.37
C ILE C 34 21.52 -9.11 0.33
N CYS C 35 20.78 -8.07 -0.09
CA CYS C 35 21.19 -7.14 -1.14
C CYS C 35 21.02 -5.70 -0.63
N PRO C 36 21.96 -5.21 0.21
CA PRO C 36 21.79 -3.87 0.84
C PRO C 36 21.50 -2.68 -0.11
N ASP C 37 22.03 -2.70 -1.34
CA ASP C 37 21.78 -1.57 -2.27
C ASP C 37 20.47 -1.70 -3.10
N VAL C 38 19.66 -2.72 -2.80
CA VAL C 38 18.44 -3.02 -3.57
C VAL C 38 17.35 -1.95 -3.37
N THR C 39 16.55 -1.76 -4.42
CA THR C 39 15.29 -1.03 -4.33
C THR C 39 14.19 -2.05 -4.52
N VAL C 40 13.30 -2.17 -3.55
CA VAL C 40 12.15 -3.06 -3.71
C VAL C 40 10.94 -2.25 -4.19
N VAL C 41 10.38 -2.64 -5.33
CA VAL C 41 9.19 -1.99 -5.87
C VAL C 41 7.99 -2.93 -5.70
N ASP C 42 6.93 -2.46 -5.04
CA ASP C 42 5.73 -3.27 -4.90
C ASP C 42 5.00 -3.23 -6.23
N VAL C 43 4.67 -4.40 -6.76
CA VAL C 43 3.80 -4.50 -7.94
C VAL C 43 2.37 -4.46 -7.41
N CYS C 44 2.00 -5.48 -6.66
CA CYS C 44 0.75 -5.49 -5.89
CA CYS C 44 0.67 -5.60 -6.06
C CYS C 44 0.69 -6.75 -5.03
N HIS C 45 -0.13 -6.70 -4.00
CA HIS C 45 -0.20 -7.74 -2.99
C HIS C 45 -1.63 -8.14 -2.71
N SER C 46 -2.52 -7.69 -3.60
CA SER C 46 -3.97 -7.80 -3.36
CA SER C 46 -3.97 -7.79 -3.37
C SER C 46 -4.66 -8.86 -4.22
N MET C 47 -3.90 -9.59 -5.03
CA MET C 47 -4.51 -10.62 -5.86
C MET C 47 -5.34 -11.62 -5.04
N THR C 48 -6.42 -12.13 -5.65
CA THR C 48 -7.14 -13.28 -5.12
C THR C 48 -6.14 -14.42 -4.85
N PRO C 49 -6.02 -14.86 -3.57
CA PRO C 49 -5.09 -15.96 -3.25
C PRO C 49 -5.32 -17.18 -4.15
N TRP C 50 -4.22 -17.77 -4.65
CA TRP C 50 -4.23 -19.07 -5.37
C TRP C 50 -4.74 -18.97 -6.81
N ASP C 51 -5.13 -17.76 -7.23
CA ASP C 51 -5.62 -17.54 -8.59
C ASP C 51 -4.44 -17.21 -9.49
N VAL C 52 -3.81 -18.24 -10.07
CA VAL C 52 -2.59 -18.07 -10.84
C VAL C 52 -2.79 -17.27 -12.11
N GLU C 53 -3.95 -17.42 -12.75
CA GLU C 53 -4.30 -16.61 -13.94
CA GLU C 53 -4.33 -16.63 -13.94
C GLU C 53 -4.38 -15.11 -13.65
N GLU C 54 -4.92 -14.74 -12.50
CA GLU C 54 -4.95 -13.34 -12.08
C GLU C 54 -3.57 -12.80 -11.79
N GLY C 55 -2.79 -13.52 -10.98
CA GLY C 55 -1.39 -13.18 -10.72
C GLY C 55 -0.59 -12.98 -11.99
N ALA C 56 -0.83 -13.84 -12.98
CA ALA C 56 -0.14 -13.75 -14.26
C ALA C 56 -0.40 -12.40 -14.93
N ARG C 57 -1.65 -11.95 -14.87
CA ARG C 57 -2.06 -10.69 -15.48
C ARG C 57 -1.30 -9.46 -14.92
N TYR C 58 -0.97 -9.53 -13.64
CA TYR C 58 -0.28 -8.45 -12.94
C TYR C 58 1.22 -8.38 -13.23
N ILE C 59 1.77 -9.42 -13.86
CA ILE C 59 3.23 -9.50 -14.03
C ILE C 59 3.69 -9.55 -15.50
N VAL C 60 2.80 -9.97 -16.40
CA VAL C 60 3.18 -10.20 -17.81
C VAL C 60 3.61 -8.93 -18.56
N ASP C 61 3.02 -7.79 -18.20
CA ASP C 61 3.26 -6.52 -18.91
C ASP C 61 4.43 -5.69 -18.36
N LEU C 62 5.08 -6.17 -17.29
CA LEU C 62 6.09 -5.37 -16.54
C LEU C 62 7.43 -5.07 -17.23
N PRO C 63 8.07 -6.07 -17.91
CA PRO C 63 9.49 -5.84 -18.26
C PRO C 63 9.87 -4.55 -19.00
N ARG C 64 9.07 -4.13 -19.99
CA ARG C 64 9.44 -2.95 -20.80
C ARG C 64 9.47 -1.66 -19.97
N PHE C 65 8.76 -1.65 -18.84
CA PHE C 65 8.75 -0.48 -17.94
C PHE C 65 9.95 -0.38 -17.01
N PHE C 66 10.67 -1.48 -16.81
CA PHE C 66 11.77 -1.48 -15.81
C PHE C 66 13.17 -1.44 -16.40
N PRO C 67 14.14 -0.90 -15.63
CA PRO C 67 15.53 -0.97 -16.06
C PRO C 67 15.99 -2.42 -16.25
N GLU C 68 16.84 -2.63 -17.24
CA GLU C 68 17.42 -3.93 -17.53
C GLU C 68 18.13 -4.44 -16.27
N GLY C 69 18.03 -5.75 -16.02
CA GLY C 69 18.63 -6.35 -14.81
C GLY C 69 17.62 -6.50 -13.66
N THR C 70 16.40 -5.97 -13.84
CA THR C 70 15.36 -6.06 -12.80
C THR C 70 15.00 -7.54 -12.58
N VAL C 71 14.81 -7.89 -11.31
CA VAL C 71 14.34 -9.22 -10.92
C VAL C 71 12.87 -9.15 -10.50
N PHE C 72 12.02 -9.97 -11.14
CA PHE C 72 10.62 -10.02 -10.77
C PHE C 72 10.38 -11.17 -9.81
N ALA C 73 10.06 -10.84 -8.57
CA ALA C 73 9.74 -11.86 -7.55
C ALA C 73 8.22 -11.96 -7.44
N THR C 74 7.65 -13.08 -7.92
CA THR C 74 6.21 -13.16 -8.16
C THR C 74 5.68 -14.47 -7.56
N THR C 75 4.73 -14.35 -6.64
CA THR C 75 4.28 -15.52 -5.88
C THR C 75 2.82 -15.56 -5.43
N THR C 76 2.16 -16.68 -5.72
CA THR C 76 1.08 -17.20 -4.88
C THR C 76 1.48 -18.65 -4.71
N TYR C 77 1.48 -19.14 -3.47
CA TYR C 77 2.16 -20.40 -3.19
C TYR C 77 1.30 -21.42 -2.40
N PRO C 78 0.13 -21.84 -2.95
CA PRO C 78 -0.73 -22.80 -2.21
C PRO C 78 -0.11 -24.19 -1.95
N ALA C 79 0.94 -24.55 -2.72
CA ALA C 79 1.74 -25.75 -2.44
C ALA C 79 2.92 -25.53 -1.49
N THR C 80 2.89 -24.44 -0.73
CA THR C 80 3.90 -24.15 0.28
C THR C 80 4.07 -25.34 1.26
N GLY C 81 5.33 -25.65 1.57
CA GLY C 81 5.65 -26.67 2.56
C GLY C 81 5.73 -28.08 2.00
N THR C 82 5.53 -28.19 0.68
CA THR C 82 5.65 -29.46 -0.04
C THR C 82 7.04 -29.57 -0.68
N THR C 83 7.29 -30.68 -1.38
CA THR C 83 8.59 -30.94 -1.99
C THR C 83 8.84 -30.05 -3.22
N THR C 84 7.81 -29.34 -3.66
CA THR C 84 7.94 -28.41 -4.79
C THR C 84 9.04 -27.35 -4.59
N ARG C 85 9.65 -26.97 -5.70
CA ARG C 85 10.66 -25.94 -5.72
C ARG C 85 10.31 -24.88 -6.77
N SER C 86 10.69 -23.64 -6.50
CA SER C 86 10.47 -22.54 -7.43
C SER C 86 11.27 -22.70 -8.74
N VAL C 87 10.82 -21.97 -9.76
CA VAL C 87 11.53 -21.86 -11.02
C VAL C 87 12.03 -20.43 -11.19
N ALA C 88 13.26 -20.31 -11.68
CA ALA C 88 13.85 -19.02 -11.99
C ALA C 88 14.22 -18.99 -13.48
N VAL C 89 13.68 -18.00 -14.20
CA VAL C 89 13.88 -17.93 -15.64
C VAL C 89 14.45 -16.57 -16.06
N ARG C 90 15.32 -16.60 -17.05
CA ARG C 90 15.68 -15.36 -17.72
C ARG C 90 14.88 -15.29 -19.00
N ILE C 91 14.03 -14.26 -19.12
CA ILE C 91 13.16 -14.16 -20.28
C ILE C 91 13.97 -13.69 -21.49
N LYS C 92 13.42 -13.93 -22.68
CA LYS C 92 14.10 -13.47 -23.90
C LYS C 92 13.69 -12.05 -24.30
N GLN C 93 12.50 -11.88 -24.87
CA GLN C 93 12.06 -10.59 -25.36
C GLN C 93 11.43 -9.80 -24.23
N ALA C 94 11.86 -8.55 -24.03
CA ALA C 94 11.20 -7.64 -23.09
C ALA C 94 9.77 -7.36 -23.53
N ALA C 95 9.59 -7.26 -24.85
CA ALA C 95 8.27 -7.20 -25.54
C ALA C 95 7.61 -5.83 -25.45
N LYS C 96 7.19 -5.32 -26.60
CA LYS C 96 6.41 -4.09 -26.70
C LYS C 96 5.00 -4.40 -26.17
N GLY C 97 4.24 -3.35 -25.84
CA GLY C 97 2.88 -3.56 -25.32
C GLY C 97 2.02 -2.35 -25.60
N GLY C 98 0.85 -2.32 -24.96
CA GLY C 98 -0.06 -1.20 -25.10
C GLY C 98 -1.16 -1.49 -26.10
N ALA C 99 -2.12 -0.56 -26.21
CA ALA C 99 -3.17 -0.67 -27.22
C ALA C 99 -2.59 -0.86 -28.62
N ARG C 100 -1.46 -0.19 -28.89
CA ARG C 100 -0.84 -0.18 -30.23
C ARG C 100 0.32 -1.17 -30.40
N GLY C 101 1.07 -1.45 -29.33
CA GLY C 101 2.27 -2.28 -29.43
C GLY C 101 3.52 -1.44 -29.63
N GLN C 102 4.02 -0.87 -28.54
CA GLN C 102 5.17 0.05 -28.59
C GLN C 102 6.07 -0.11 -27.36
N TRP C 103 7.28 0.43 -27.46
CA TRP C 103 8.15 0.62 -26.28
C TRP C 103 7.57 1.71 -25.35
N ALA C 104 7.82 1.57 -24.06
CA ALA C 104 7.37 2.53 -23.05
C ALA C 104 8.37 3.66 -22.87
N GLY C 105 7.91 4.84 -22.46
CA GLY C 105 8.84 5.92 -22.13
C GLY C 105 8.67 7.17 -22.99
N SER C 106 9.45 8.20 -22.67
CA SER C 106 9.46 9.43 -23.44
C SER C 106 10.13 9.26 -24.82
N GLY C 107 9.93 10.25 -25.68
CA GLY C 107 10.41 10.20 -27.06
C GLY C 107 9.74 9.04 -27.77
N ALA C 108 10.58 8.25 -28.44
CA ALA C 108 10.15 7.03 -29.13
C ALA C 108 10.09 5.80 -28.21
N GLY C 109 10.35 5.99 -26.91
CA GLY C 109 10.31 4.89 -25.96
C GLY C 109 11.71 4.37 -25.65
N PHE C 110 11.80 3.47 -24.69
CA PHE C 110 13.08 2.91 -24.30
C PHE C 110 13.10 1.46 -24.76
N GLU C 111 13.95 1.17 -25.75
CA GLU C 111 14.15 -0.20 -26.17
C GLU C 111 14.85 -0.96 -25.08
N ARG C 112 14.44 -2.20 -24.86
CA ARG C 112 15.11 -3.05 -23.89
C ARG C 112 15.81 -4.23 -24.57
N ALA C 113 17.05 -4.45 -24.19
CA ALA C 113 17.81 -5.58 -24.72
C ALA C 113 17.17 -6.90 -24.34
N GLU C 114 17.40 -7.91 -25.19
CA GLU C 114 16.93 -9.27 -24.91
C GLU C 114 17.70 -9.88 -23.73
N GLY C 115 17.06 -10.85 -23.06
CA GLY C 115 17.67 -11.53 -21.94
C GLY C 115 17.99 -10.67 -20.71
N SER C 116 17.20 -9.61 -20.51
CA SER C 116 17.51 -8.57 -19.53
C SER C 116 16.77 -8.67 -18.19
N TYR C 117 15.93 -9.68 -18.03
CA TYR C 117 15.05 -9.75 -16.84
C TYR C 117 14.95 -11.17 -16.36
N ILE C 118 14.91 -11.33 -15.04
CA ILE C 118 14.65 -12.63 -14.42
C ILE C 118 13.28 -12.62 -13.74
N TYR C 119 12.51 -13.68 -13.92
CA TYR C 119 11.37 -13.94 -13.04
C TYR C 119 11.66 -15.14 -12.15
N ILE C 120 11.25 -15.04 -10.89
CA ILE C 120 11.34 -16.15 -9.96
C ILE C 120 9.97 -16.36 -9.28
N ALA C 121 9.50 -17.60 -9.30
CA ALA C 121 8.09 -17.89 -8.99
C ALA C 121 7.94 -19.34 -8.57
N PRO C 122 6.83 -19.64 -7.85
CA PRO C 122 6.48 -21.04 -7.70
C PRO C 122 6.33 -21.69 -9.09
N ASN C 123 6.70 -22.96 -9.20
CA ASN C 123 6.50 -23.71 -10.43
C ASN C 123 5.06 -24.26 -10.46
N ASN C 124 4.08 -23.36 -10.59
CA ASN C 124 2.67 -23.75 -10.50
C ASN C 124 1.82 -23.12 -11.61
N GLY C 125 2.49 -22.62 -12.65
CA GLY C 125 1.83 -22.00 -13.79
C GLY C 125 1.74 -20.48 -13.75
N LEU C 126 2.18 -19.86 -12.65
CA LEU C 126 2.10 -18.41 -12.54
C LEU C 126 2.79 -17.69 -13.72
N LEU C 127 3.89 -18.26 -14.21
CA LEU C 127 4.66 -17.65 -15.30
C LEU C 127 4.17 -18.02 -16.71
N THR C 128 3.01 -18.66 -16.82
CA THR C 128 2.52 -19.17 -18.12
C THR C 128 2.55 -18.10 -19.22
N THR C 129 1.88 -16.98 -18.98
CA THR C 129 1.80 -15.92 -19.99
C THR C 129 3.11 -15.13 -20.14
N VAL C 130 3.88 -15.03 -19.05
CA VAL C 130 5.23 -14.45 -19.12
C VAL C 130 6.05 -15.22 -20.15
N LEU C 131 6.01 -16.55 -20.09
CA LEU C 131 6.81 -17.35 -21.02
C LEU C 131 6.26 -17.31 -22.44
N GLU C 132 4.93 -17.33 -22.55
CA GLU C 132 4.27 -17.23 -23.84
C GLU C 132 4.58 -15.91 -24.57
N GLU C 133 4.53 -14.80 -23.84
CA GLU C 133 4.66 -13.48 -24.45
C GLU C 133 6.11 -13.01 -24.58
N HIS C 134 6.99 -13.55 -23.74
CA HIS C 134 8.38 -13.08 -23.72
C HIS C 134 9.36 -14.15 -24.19
N GLY C 135 8.99 -15.42 -24.05
CA GLY C 135 9.92 -16.52 -24.28
C GLY C 135 10.97 -16.51 -23.19
N TYR C 136 11.90 -17.47 -23.23
CA TYR C 136 12.96 -17.53 -22.25
C TYR C 136 14.26 -18.11 -22.82
N LEU C 137 15.36 -17.78 -22.15
CA LEU C 137 16.69 -18.21 -22.56
C LEU C 137 17.22 -19.36 -21.73
N GLU C 138 16.85 -19.35 -20.46
CA GLU C 138 17.29 -20.37 -19.50
C GLU C 138 16.29 -20.46 -18.35
N ALA C 139 16.17 -21.65 -17.75
CA ALA C 139 15.24 -21.91 -16.66
C ALA C 139 15.86 -22.93 -15.70
N TYR C 140 15.80 -22.62 -14.40
CA TYR C 140 16.39 -23.45 -13.36
C TYR C 140 15.44 -23.67 -12.20
N GLU C 141 15.56 -24.84 -11.59
CA GLU C 141 14.88 -25.16 -10.36
C GLU C 141 15.65 -24.54 -9.22
N VAL C 142 14.95 -23.95 -8.26
CA VAL C 142 15.62 -23.23 -7.17
C VAL C 142 15.81 -24.14 -5.94
N THR C 143 17.02 -24.66 -5.79
CA THR C 143 17.29 -25.66 -4.74
C THR C 143 18.52 -25.41 -3.86
N SER C 144 19.47 -24.62 -4.37
CA SER C 144 20.73 -24.43 -3.65
C SER C 144 20.54 -23.77 -2.30
N PRO C 145 21.16 -24.35 -1.24
CA PRO C 145 21.09 -23.74 0.10
C PRO C 145 21.82 -22.39 0.16
N LYS C 146 22.53 -22.01 -0.90
CA LYS C 146 23.12 -20.67 -1.00
C LYS C 146 22.04 -19.58 -1.23
N VAL C 147 20.89 -19.99 -1.76
CA VAL C 147 19.85 -19.01 -2.09
C VAL C 147 18.48 -19.26 -1.46
N ILE C 148 18.26 -20.43 -0.85
CA ILE C 148 17.05 -20.69 -0.06
C ILE C 148 17.43 -21.24 1.32
N PRO C 149 16.49 -21.21 2.30
CA PRO C 149 16.76 -21.84 3.59
C PRO C 149 16.99 -23.36 3.49
N GLU C 150 17.94 -23.87 4.28
CA GLU C 150 18.11 -25.30 4.48
C GLU C 150 16.87 -25.88 5.17
N GLN C 151 16.28 -25.10 6.08
CA GLN C 151 15.05 -25.51 6.76
C GLN C 151 13.93 -24.46 6.51
N PRO C 152 13.25 -24.58 5.36
CA PRO C 152 12.29 -23.54 4.95
C PRO C 152 11.05 -23.57 5.83
N GLU C 153 10.53 -22.40 6.18
CA GLU C 153 9.26 -22.32 6.91
C GLU C 153 8.13 -22.97 6.08
N PRO C 154 7.48 -24.03 6.61
CA PRO C 154 6.47 -24.76 5.82
C PRO C 154 5.36 -23.89 5.20
N THR C 155 4.84 -22.93 5.96
CA THR C 155 3.72 -22.15 5.44
C THR C 155 4.11 -20.80 4.78
N PHE C 156 5.37 -20.59 4.42
CA PHE C 156 5.75 -19.29 3.92
C PHE C 156 6.74 -19.42 2.77
N TYR C 157 6.44 -20.29 1.82
CA TYR C 157 7.35 -20.53 0.69
C TYR C 157 7.56 -19.33 -0.23
N GLY C 158 6.61 -18.38 -0.25
CA GLY C 158 6.80 -17.13 -1.02
C GLY C 158 8.00 -16.33 -0.51
N ARG C 159 8.17 -16.32 0.80
CA ARG C 159 9.32 -15.71 1.43
C ARG C 159 10.58 -16.57 1.21
N GLU C 160 10.48 -17.87 1.50
CA GLU C 160 11.63 -18.80 1.50
C GLU C 160 12.19 -19.10 0.14
N MET C 161 11.28 -19.28 -0.83
CA MET C 161 11.59 -19.81 -2.15
C MET C 161 11.42 -18.80 -3.27
N VAL C 162 11.02 -17.58 -2.93
CA VAL C 162 10.88 -16.52 -3.94
C VAL C 162 11.61 -15.24 -3.49
N ALA C 163 11.19 -14.67 -2.35
CA ALA C 163 11.76 -13.39 -1.88
C ALA C 163 13.27 -13.49 -1.58
N ILE C 164 13.66 -14.47 -0.76
CA ILE C 164 15.05 -14.70 -0.43
C ILE C 164 15.93 -14.93 -1.66
N PRO C 165 15.61 -15.94 -2.51
CA PRO C 165 16.43 -16.11 -3.72
C PRO C 165 16.41 -14.95 -4.68
N SER C 166 15.28 -14.22 -4.81
CA SER C 166 15.27 -13.04 -5.67
C SER C 166 16.33 -12.02 -5.25
N ALA C 167 16.55 -11.90 -3.94
CA ALA C 167 17.51 -10.94 -3.39
C ALA C 167 18.95 -11.36 -3.69
N HIS C 168 19.22 -12.66 -3.63
CA HIS C 168 20.52 -13.19 -4.07
C HIS C 168 20.77 -12.91 -5.55
N LEU C 169 19.76 -13.14 -6.39
CA LEU C 169 19.87 -12.87 -7.83
C LEU C 169 20.09 -11.38 -8.12
N ALA C 170 19.38 -10.53 -7.38
CA ALA C 170 19.59 -9.09 -7.47
C ALA C 170 21.02 -8.69 -7.06
N ALA C 171 21.59 -9.38 -6.06
CA ALA C 171 22.96 -9.12 -5.61
C ALA C 171 24.04 -9.73 -6.52
N GLY C 172 23.65 -10.43 -7.57
CA GLY C 172 24.58 -10.93 -8.57
C GLY C 172 24.91 -12.41 -8.46
N PHE C 173 24.16 -13.15 -7.63
CA PHE C 173 24.34 -14.60 -7.59
C PHE C 173 24.04 -15.15 -9.00
N PRO C 174 24.96 -15.94 -9.59
CA PRO C 174 24.74 -16.49 -10.93
C PRO C 174 23.45 -17.31 -11.00
N LEU C 175 22.56 -16.93 -11.92
CA LEU C 175 21.31 -17.66 -12.13
C LEU C 175 21.49 -19.18 -12.32
N SER C 176 22.49 -19.59 -13.10
CA SER C 176 22.70 -21.01 -13.39
C SER C 176 23.11 -21.83 -12.16
N GLU C 177 23.44 -21.15 -11.07
CA GLU C 177 23.89 -21.81 -9.84
C GLU C 177 22.76 -22.06 -8.82
N VAL C 178 21.53 -21.64 -9.13
CA VAL C 178 20.42 -21.82 -8.17
C VAL C 178 19.96 -23.28 -8.08
N GLY C 179 20.28 -24.07 -9.11
CA GLY C 179 19.88 -25.46 -9.18
C GLY C 179 19.91 -25.96 -10.60
N ARG C 180 19.37 -27.15 -10.82
CA ARG C 180 19.48 -27.80 -12.13
C ARG C 180 18.64 -27.09 -13.21
N PRO C 181 19.07 -27.19 -14.48
CA PRO C 181 18.23 -26.70 -15.58
C PRO C 181 16.93 -27.48 -15.67
N LEU C 182 15.83 -26.78 -15.93
CA LEU C 182 14.55 -27.43 -16.17
C LEU C 182 14.27 -27.53 -17.65
N GLU C 183 13.82 -28.70 -18.08
CA GLU C 183 13.30 -28.88 -19.43
C GLU C 183 11.96 -28.16 -19.56
N ASP C 184 11.59 -27.81 -20.78
CA ASP C 184 10.36 -27.04 -20.99
C ASP C 184 9.08 -27.70 -20.43
N HIS C 185 9.00 -29.03 -20.53
CA HIS C 185 7.82 -29.77 -20.06
C HIS C 185 7.71 -29.80 -18.54
N GLU C 186 8.81 -29.45 -17.85
CA GLU C 186 8.90 -29.46 -16.40
C GLU C 186 8.41 -28.13 -15.81
N ILE C 187 8.18 -27.16 -16.68
CA ILE C 187 7.64 -25.86 -16.28
C ILE C 187 6.12 -25.94 -16.40
N VAL C 188 5.44 -25.90 -15.26
CA VAL C 188 3.98 -26.04 -15.19
C VAL C 188 3.29 -24.86 -15.88
N ARG C 189 2.28 -25.17 -16.70
CA ARG C 189 1.48 -24.15 -17.38
C ARG C 189 0.02 -24.29 -17.02
N PHE C 190 -0.70 -23.17 -17.02
CA PHE C 190 -2.16 -23.21 -17.01
C PHE C 190 -2.70 -23.11 -18.45
N ASN C 191 -3.89 -23.66 -18.66
CA ASN C 191 -4.55 -23.58 -19.95
C ASN C 191 -5.16 -22.19 -20.11
N ARG C 192 -4.85 -21.57 -21.23
CA ARG C 192 -5.41 -20.25 -21.52
C ARG C 192 -6.57 -20.43 -22.47
N PRO C 193 -7.81 -20.24 -21.95
CA PRO C 193 -9.03 -20.49 -22.72
C PRO C 193 -9.10 -19.52 -23.90
N ALA C 194 -9.32 -20.07 -25.09
CA ALA C 194 -9.22 -19.30 -26.33
C ALA C 194 -10.45 -18.44 -26.55
N VAL C 195 -10.27 -17.41 -27.38
CA VAL C 195 -11.38 -16.61 -27.87
C VAL C 195 -11.97 -17.41 -29.02
N GLU C 196 -13.27 -17.68 -28.93
CA GLU C 196 -13.97 -18.49 -29.92
C GLU C 196 -14.75 -17.63 -30.91
N GLN C 197 -15.05 -18.20 -32.08
CA GLN C 197 -15.96 -17.55 -33.01
C GLN C 197 -17.27 -18.33 -33.09
N ASP C 198 -18.36 -17.61 -32.83
CA ASP C 198 -19.72 -18.11 -32.96
C ASP C 198 -20.29 -17.42 -34.22
N GLY C 199 -20.14 -18.06 -35.37
CA GLY C 199 -20.38 -17.39 -36.64
C GLY C 199 -19.35 -16.29 -36.84
N GLU C 200 -19.80 -15.04 -36.92
CA GLU C 200 -18.88 -13.89 -37.09
C GLU C 200 -18.61 -13.11 -35.79
N ALA C 201 -19.34 -13.44 -34.73
CA ALA C 201 -19.11 -12.89 -33.39
C ALA C 201 -17.84 -13.49 -32.78
N LEU C 202 -17.04 -12.65 -32.09
CA LEU C 202 -15.93 -13.12 -31.26
C LEU C 202 -16.47 -13.35 -29.87
N VAL C 203 -16.21 -14.54 -29.32
CA VAL C 203 -16.72 -14.90 -28.00
C VAL C 203 -15.60 -15.17 -27.01
N GLY C 204 -15.56 -14.35 -25.96
CA GLY C 204 -14.59 -14.49 -24.91
C GLY C 204 -15.23 -14.29 -23.55
N VAL C 205 -14.44 -13.76 -22.62
CA VAL C 205 -14.91 -13.53 -21.26
C VAL C 205 -14.48 -12.15 -20.78
N VAL C 206 -15.11 -11.71 -19.71
CA VAL C 206 -14.58 -10.62 -18.91
C VAL C 206 -13.36 -11.14 -18.13
N SER C 207 -12.20 -10.65 -18.50
CA SER C 207 -10.94 -11.04 -17.87
C SER C 207 -10.74 -10.34 -16.50
N ALA C 208 -11.30 -9.14 -16.36
CA ALA C 208 -11.10 -8.36 -15.13
C ALA C 208 -12.04 -7.16 -15.05
N ILE C 209 -12.36 -6.75 -13.83
CA ILE C 209 -12.92 -5.41 -13.59
C ILE C 209 -11.72 -4.52 -13.27
N ASP C 210 -11.61 -3.42 -14.00
CA ASP C 210 -10.48 -2.48 -13.87
C ASP C 210 -10.75 -1.52 -12.69
N HIS C 211 -10.33 -1.91 -11.49
CA HIS C 211 -10.52 -1.10 -10.29
C HIS C 211 -9.46 -0.01 -10.30
N PRO C 212 -9.76 1.17 -9.69
CA PRO C 212 -11.00 1.53 -9.00
C PRO C 212 -12.09 2.13 -9.88
N PHE C 213 -11.94 2.02 -11.21
CA PHE C 213 -12.82 2.71 -12.16
C PHE C 213 -14.15 1.99 -12.49
N GLY C 214 -14.14 0.67 -12.43
CA GLY C 214 -15.27 -0.15 -12.85
C GLY C 214 -15.33 -0.26 -14.37
N ASN C 215 -14.16 -0.14 -15.03
CA ASN C 215 -14.11 -0.49 -16.45
C ASN C 215 -14.13 -2.02 -16.59
N VAL C 216 -14.59 -2.50 -17.74
CA VAL C 216 -14.67 -3.93 -18.01
C VAL C 216 -13.65 -4.36 -19.05
N TRP C 217 -12.76 -5.28 -18.66
CA TRP C 217 -11.71 -5.79 -19.55
C TRP C 217 -12.12 -7.15 -20.05
N THR C 218 -11.96 -7.38 -21.35
CA THR C 218 -12.15 -8.74 -21.88
C THR C 218 -10.82 -9.38 -22.27
N ASN C 219 -10.87 -10.68 -22.57
CA ASN C 219 -9.71 -11.41 -23.09
C ASN C 219 -9.63 -11.37 -24.62
N ILE C 220 -10.43 -10.51 -25.24
CA ILE C 220 -10.39 -10.34 -26.69
C ILE C 220 -9.31 -9.30 -27.04
N HIS C 221 -8.26 -9.78 -27.69
CA HIS C 221 -7.05 -8.97 -27.89
C HIS C 221 -7.19 -8.17 -29.19
N ARG C 222 -6.41 -7.09 -29.32
CA ARG C 222 -6.30 -6.35 -30.57
C ARG C 222 -6.15 -7.26 -31.80
N THR C 223 -5.33 -8.31 -31.69
CA THR C 223 -5.10 -9.21 -32.83
C THR C 223 -6.32 -10.05 -33.20
N ASP C 224 -7.13 -10.43 -32.21
CA ASP C 224 -8.39 -11.14 -32.45
C ASP C 224 -9.34 -10.27 -33.26
N LEU C 225 -9.37 -8.98 -32.90
CA LEU C 225 -10.11 -7.97 -33.66
C LEU C 225 -9.58 -7.81 -35.08
N GLU C 226 -8.27 -7.61 -35.22
CA GLU C 226 -7.62 -7.50 -36.53
C GLU C 226 -7.93 -8.70 -37.43
N LYS C 227 -7.83 -9.91 -36.90
CA LYS C 227 -8.18 -11.13 -37.65
C LYS C 227 -9.65 -11.10 -38.10
N ALA C 228 -10.51 -10.49 -37.30
CA ALA C 228 -11.95 -10.41 -37.57
C ALA C 228 -12.34 -9.20 -38.43
N GLY C 229 -11.36 -8.36 -38.79
CA GLY C 229 -11.61 -7.18 -39.62
C GLY C 229 -12.27 -6.01 -38.90
N ILE C 230 -11.97 -5.83 -37.61
CA ILE C 230 -12.52 -4.73 -36.80
C ILE C 230 -11.39 -3.75 -36.43
N GLY C 231 -11.52 -2.45 -36.77
CA GLY C 231 -10.55 -1.38 -36.40
C GLY C 231 -11.27 -0.18 -35.81
N TYR C 232 -10.52 0.85 -35.43
CA TYR C 232 -11.11 2.05 -34.85
C TYR C 232 -12.18 2.65 -35.75
N GLY C 233 -13.32 2.99 -35.16
CA GLY C 233 -14.43 3.57 -35.90
C GLY C 233 -15.54 2.58 -36.19
N ALA C 234 -15.24 1.28 -36.09
CA ALA C 234 -16.22 0.22 -36.31
C ALA C 234 -17.32 0.22 -35.25
N ARG C 235 -18.57 0.28 -35.68
CA ARG C 235 -19.71 0.17 -34.77
C ARG C 235 -19.82 -1.26 -34.25
N LEU C 236 -19.74 -1.42 -32.92
CA LEU C 236 -19.73 -2.74 -32.31
C LEU C 236 -20.94 -2.97 -31.43
N ARG C 237 -21.41 -4.21 -31.43
CA ARG C 237 -22.33 -4.64 -30.39
C ARG C 237 -21.59 -5.59 -29.47
N LEU C 238 -21.50 -5.19 -28.20
CA LEU C 238 -20.77 -5.96 -27.20
C LEU C 238 -21.76 -6.46 -26.16
N THR C 239 -21.92 -7.78 -26.08
CA THR C 239 -22.86 -8.34 -25.10
C THR C 239 -22.15 -9.00 -23.95
N LEU C 240 -22.58 -8.62 -22.74
CA LEU C 240 -22.00 -9.12 -21.50
C LEU C 240 -22.95 -10.00 -20.70
N ASP C 241 -22.39 -11.06 -20.12
CA ASP C 241 -23.13 -12.05 -19.29
C ASP C 241 -24.26 -12.74 -20.06
N GLY C 242 -24.12 -12.86 -21.36
CA GLY C 242 -25.21 -13.40 -22.17
C GLY C 242 -26.53 -12.68 -21.94
N VAL C 243 -26.49 -11.48 -21.34
CA VAL C 243 -27.72 -10.71 -21.08
C VAL C 243 -27.65 -9.21 -21.46
N LEU C 244 -26.66 -8.51 -20.90
CA LEU C 244 -26.57 -7.04 -21.02
C LEU C 244 -25.90 -6.61 -22.33
N PRO C 245 -26.67 -5.97 -23.24
CA PRO C 245 -26.07 -5.51 -24.49
C PRO C 245 -25.61 -4.04 -24.40
N PHE C 246 -24.56 -3.72 -25.16
CA PHE C 246 -24.04 -2.35 -25.28
C PHE C 246 -23.63 -2.16 -26.74
N GLU C 247 -23.77 -0.94 -27.25
CA GLU C 247 -23.43 -0.59 -28.65
C GLU C 247 -22.66 0.73 -28.69
N ALA C 248 -21.51 0.72 -29.36
CA ALA C 248 -20.68 1.92 -29.53
C ALA C 248 -19.60 1.69 -30.61
N PRO C 249 -19.09 2.76 -31.22
CA PRO C 249 -17.91 2.54 -32.07
C PRO C 249 -16.64 2.24 -31.26
N LEU C 250 -15.70 1.53 -31.85
CA LEU C 250 -14.38 1.31 -31.23
C LEU C 250 -13.60 2.61 -31.32
N THR C 251 -13.16 3.11 -30.15
CA THR C 251 -12.43 4.37 -30.03
C THR C 251 -11.16 4.17 -29.20
N PRO C 252 -10.16 5.06 -29.36
CA PRO C 252 -8.95 4.97 -28.54
C PRO C 252 -9.13 5.26 -27.04
N THR C 253 -10.08 6.11 -26.66
CA THR C 253 -10.19 6.55 -25.27
C THR C 253 -11.61 6.81 -24.79
N PHE C 254 -11.75 7.14 -23.49
CA PHE C 254 -13.06 7.29 -22.83
C PHE C 254 -13.81 8.53 -23.33
N ALA C 255 -13.11 9.66 -23.40
CA ALA C 255 -13.71 10.96 -23.75
C ALA C 255 -14.30 11.00 -25.17
N ASP C 256 -13.88 10.05 -26.01
CA ASP C 256 -14.39 9.86 -27.36
C ASP C 256 -15.89 9.56 -27.35
N ALA C 257 -16.41 9.09 -26.22
CA ALA C 257 -17.83 8.76 -26.04
C ALA C 257 -18.75 9.99 -25.96
N GLY C 258 -18.15 11.17 -25.76
CA GLY C 258 -18.91 12.40 -25.62
C GLY C 258 -19.26 12.69 -24.18
N GLU C 259 -20.55 12.85 -23.91
CA GLU C 259 -21.01 13.23 -22.57
C GLU C 259 -20.52 12.24 -21.52
N ILE C 260 -20.28 12.75 -20.32
CA ILE C 260 -20.00 11.92 -19.16
C ILE C 260 -21.12 10.89 -18.97
N GLY C 261 -20.71 9.63 -18.78
CA GLY C 261 -21.65 8.53 -18.58
C GLY C 261 -21.93 7.72 -19.84
N ASN C 262 -21.59 8.28 -21.01
CA ASN C 262 -21.78 7.58 -22.30
C ASN C 262 -20.85 6.38 -22.43
N ILE C 263 -21.32 5.35 -23.15
CA ILE C 263 -20.54 4.12 -23.33
C ILE C 263 -19.33 4.30 -24.25
N ALA C 264 -18.16 3.84 -23.77
CA ALA C 264 -17.00 3.74 -24.64
C ALA C 264 -16.54 2.29 -24.80
N ILE C 265 -16.30 1.88 -26.04
CA ILE C 265 -15.68 0.60 -26.31
C ILE C 265 -14.29 0.91 -26.88
N TYR C 266 -13.25 0.31 -26.31
CA TYR C 266 -11.90 0.75 -26.55
C TYR C 266 -10.87 -0.36 -26.42
N LEU C 267 -9.65 -0.07 -26.85
CA LEU C 267 -8.53 -0.95 -26.52
C LEU C 267 -7.81 -0.41 -25.28
N ASN C 268 -7.77 -1.22 -24.23
CA ASN C 268 -7.08 -0.80 -22.99
C ASN C 268 -5.54 -0.72 -23.17
N SER C 269 -4.85 -0.28 -22.11
CA SER C 269 -3.41 -0.06 -22.13
C SER C 269 -2.62 -1.37 -22.15
N ARG C 270 -3.33 -2.50 -22.07
CA ARG C 270 -2.70 -3.83 -22.15
C ARG C 270 -2.92 -4.46 -23.51
N GLY C 271 -3.70 -3.80 -24.35
CA GLY C 271 -3.97 -4.23 -25.72
C GLY C 271 -5.28 -4.98 -25.94
N TYR C 272 -6.18 -4.95 -24.95
CA TYR C 272 -7.41 -5.76 -24.99
C TYR C 272 -8.69 -4.93 -25.11
N LEU C 273 -9.62 -5.47 -25.87
CA LEU C 273 -10.97 -4.91 -25.96
C LEU C 273 -11.61 -4.74 -24.59
N SER C 274 -12.12 -3.54 -24.34
CA SER C 274 -12.66 -3.18 -23.06
C SER C 274 -13.89 -2.29 -23.26
N ILE C 275 -14.69 -2.16 -22.21
CA ILE C 275 -15.87 -1.28 -22.26
C ILE C 275 -16.01 -0.49 -20.94
N ALA C 276 -16.50 0.74 -21.07
CA ALA C 276 -16.54 1.66 -19.96
C ALA C 276 -17.65 2.65 -20.16
N ARG C 277 -17.93 3.44 -19.11
CA ARG C 277 -18.66 4.69 -19.24
C ARG C 277 -17.61 5.79 -19.16
N ASN C 278 -17.80 6.85 -19.93
CA ASN C 278 -16.92 8.01 -19.82
C ASN C 278 -17.01 8.75 -18.47
N ALA C 279 -15.92 8.70 -17.70
CA ALA C 279 -15.86 9.24 -16.33
C ALA C 279 -17.05 8.86 -15.44
N ALA C 280 -17.48 7.61 -15.58
CA ALA C 280 -18.45 7.04 -14.68
C ALA C 280 -18.10 5.55 -14.60
N SER C 281 -18.51 4.90 -13.53
CA SER C 281 -18.31 3.47 -13.40
C SER C 281 -19.38 2.67 -14.14
N LEU C 282 -18.94 1.76 -15.01
CA LEU C 282 -19.84 0.83 -15.68
C LEU C 282 -20.16 -0.39 -14.81
N ALA C 283 -19.09 -1.02 -14.28
CA ALA C 283 -19.18 -2.32 -13.60
C ALA C 283 -19.96 -2.25 -12.29
N TYR C 284 -19.73 -1.20 -11.52
CA TYR C 284 -20.21 -1.17 -10.14
C TYR C 284 -21.75 -1.06 -10.03
N PRO C 285 -22.37 -0.11 -10.76
CA PRO C 285 -23.85 -0.04 -10.68
C PRO C 285 -24.56 -1.33 -11.15
N TYR C 286 -24.00 -2.01 -12.16
CA TYR C 286 -24.61 -3.23 -12.70
C TYR C 286 -24.04 -4.52 -12.15
N HIS C 287 -23.06 -4.40 -11.24
CA HIS C 287 -22.47 -5.56 -10.59
C HIS C 287 -21.88 -6.53 -11.60
N LEU C 288 -21.16 -5.98 -12.59
CA LEU C 288 -20.52 -6.80 -13.62
C LEU C 288 -19.28 -7.41 -13.00
N LYS C 289 -18.91 -8.60 -13.46
CA LYS C 289 -17.86 -9.39 -12.80
C LYS C 289 -16.94 -10.10 -13.80
N GLU C 290 -15.71 -10.32 -13.35
CA GLU C 290 -14.77 -11.23 -13.99
C GLU C 290 -15.42 -12.62 -14.23
N GLY C 291 -15.19 -13.23 -15.39
CA GLY C 291 -15.79 -14.54 -15.74
C GLY C 291 -17.09 -14.53 -16.51
N MET C 292 -17.80 -13.39 -16.49
CA MET C 292 -18.99 -13.20 -17.33
C MET C 292 -18.57 -13.30 -18.80
N SER C 293 -19.44 -13.86 -19.64
CA SER C 293 -19.17 -13.95 -21.07
C SER C 293 -19.11 -12.56 -21.70
N ALA C 294 -18.34 -12.45 -22.77
CA ALA C 294 -18.26 -11.24 -23.57
C ALA C 294 -18.24 -11.63 -25.04
N ARG C 295 -19.20 -11.09 -25.78
CA ARG C 295 -19.35 -11.36 -27.21
C ARG C 295 -19.25 -10.04 -27.94
N VAL C 296 -18.51 -10.01 -29.04
CA VAL C 296 -18.40 -8.79 -29.84
C VAL C 296 -18.61 -9.11 -31.33
N GLU C 297 -19.29 -8.17 -32.02
CA GLU C 297 -19.63 -8.29 -33.44
C GLU C 297 -19.77 -6.91 -34.07
N ALA C 298 -19.35 -6.78 -35.33
CA ALA C 298 -19.43 -5.53 -36.10
C ALA C 298 -20.80 -5.37 -36.74
N SAM D . 0.04 -13.99 6.95
CA SAM D . 0.81 -15.20 6.64
C SAM D . 1.75 -15.52 7.81
O SAM D . 2.05 -16.70 8.04
OXT SAM D . 2.22 -14.63 8.54
CB SAM D . 1.64 -14.97 5.37
CG SAM D . 2.08 -16.29 4.73
SD SAM D . 0.78 -17.17 3.79
CE SAM D . 0.30 -18.35 5.02
C5' SAM D . 2.02 -18.05 2.81
C4' SAM D . 1.62 -18.82 1.53
O4' SAM D . 0.67 -19.84 1.91
C3' SAM D . 0.97 -17.90 0.49
O3' SAM D . 1.67 -18.08 -0.74
C2' SAM D . -0.45 -18.37 0.38
O2' SAM D . -0.85 -18.49 -1.00
C1' SAM D . -0.43 -19.78 0.98
N9 SAM D . -1.65 -20.04 1.75
C8 SAM D . -2.25 -19.25 2.67
N7 SAM D . -3.34 -19.86 3.12
C5 SAM D . -3.43 -21.02 2.48
C6 SAM D . -4.35 -22.07 2.53
N6 SAM D . -5.43 -22.03 3.37
N1 SAM D . -4.12 -23.16 1.69
C2 SAM D . -3.01 -23.22 0.84
N3 SAM D . -2.15 -22.22 0.80
C4 SAM D . -2.36 -21.14 1.60
CL CL E . -0.24 9.54 14.54
N SAM F . -5.58 11.57 8.97
CA SAM F . -5.04 12.19 10.17
C SAM F . -4.62 13.62 9.83
O SAM F . -4.53 14.46 10.74
OXT SAM F . -4.38 13.97 8.66
CB SAM F . -3.77 11.45 10.66
CG SAM F . -3.49 11.77 12.14
SD SAM F . -4.47 10.80 13.33
CE SAM F . -5.60 12.11 13.76
C5' SAM F . -3.20 10.84 14.61
C4' SAM F . -3.35 9.97 15.87
O4' SAM F . -4.62 10.28 16.48
C3' SAM F . -3.34 8.49 15.57
O3' SAM F . -2.32 7.92 16.37
C2' SAM F . -4.71 7.99 16.05
O2' SAM F . -4.56 6.80 16.78
C1' SAM F . -5.16 9.09 16.99
N9 SAM F . -6.62 9.34 16.81
C8 SAM F . -7.29 9.53 15.66
N7 SAM F . -8.57 9.71 15.93
C5 SAM F . -8.71 9.63 17.26
C6 SAM F . -9.78 9.71 18.10
N6 SAM F . -11.02 9.93 17.66
N1 SAM F . -9.53 9.57 19.47
C2 SAM F . -8.25 9.33 19.97
N3 SAM F . -7.25 9.24 19.14
C4 SAM F . -7.46 9.38 17.81
N SAM G . -5.52 -0.11 -14.63
CA SAM G . -5.41 0.86 -15.73
C SAM G . -4.66 0.22 -16.92
O SAM G . -4.81 0.68 -18.06
OXT SAM G . -3.88 -0.74 -16.72
CB SAM G . -4.60 2.07 -15.23
CG SAM G . -4.76 3.28 -16.14
SD SAM G . -6.30 4.22 -15.90
CE SAM G . -7.23 3.51 -17.25
C5' SAM G . -5.59 5.72 -16.61
C4' SAM G . -6.34 7.05 -16.50
O4' SAM G . -7.64 6.95 -17.13
C3' SAM G . -6.54 7.49 -15.05
O3' SAM G . -6.05 8.82 -14.94
C2' SAM G . -8.07 7.49 -14.83
O2' SAM G . -8.54 8.62 -14.08
C1' SAM G . -8.60 7.57 -16.27
N9 SAM G . -9.77 6.69 -16.37
C8 SAM G . -9.91 5.42 -15.97
N7 SAM G . -11.15 5.03 -16.28
C5 SAM G . -11.76 6.04 -16.88
C6 SAM G . -13.05 6.21 -17.40
N6 SAM G . -13.96 5.24 -17.38
N1 SAM G . -13.35 7.43 -17.96
C2 SAM G . -12.40 8.47 -17.99
N3 SAM G . -11.19 8.30 -17.47
C4 SAM G . -10.88 7.10 -16.94
CL CL H . -3.13 7.59 -15.24
CL CL I . 4.16 -16.80 0.77
#